data_4ZW6
#
_entry.id   4ZW6
#
_cell.length_a   75.030
_cell.length_b   109.320
_cell.length_c   118.640
_cell.angle_alpha   90.000
_cell.angle_beta   90.000
_cell.angle_gamma   90.000
#
_symmetry.space_group_name_H-M   'P 21 21 21'
#
loop_
_entity.id
_entity.type
_entity.pdbx_description
1 polymer 'M1 family aminopeptidase'
2 non-polymer 'tert-butyl {(1S)-2-(hydroxyamino)-1-[4-(1-methyl-1H-pyrazol-4-yl)phenyl]-2-oxoethyl}carbamate'
3 non-polymer 'ZINC ION'
4 non-polymer 'MAGNESIUM ION'
5 non-polymer GLYCEROL
6 non-polymer 'DIMETHYL SULFOXIDE'
7 non-polymer 'PHOSPHATE ION'
8 water water
#
_entity_poly.entity_id   1
_entity_poly.type   'polypeptide(L)'
_entity_poly.pdbx_seq_one_letter_code
;EPKIHYRKDYKPSGFIINQVTLNINIHDQETIVRSVLDMDISKHNVGEDLVFDGVGLKINEISINNKKLVEGEEYTYDNE
FLTIFSKFVPKSKFAFSSEVIIHPETNYALTGLYKSKNIIVSQCEATGFRRITFFIDRPDMMAKYDVTVTADKEKYPVLL
SNGDKVNEFEIPGGRHGARFNDPPLKPCYLFAVVAGDLKHLSATYITKYTKKKVELYVFSEEKYVSKLQWALECLKKSMA
FDEDYFGLEYDLSRLNLVAVSDFNVGAMENKGLNIFNANSLLASKKNSIDFSYARILTVVGHEYFHQYTGNRVTLRDWFQ
LTLKEGLTVHRENLFSEEMTKTVTTRLSHVDLLRSVQFLEDSSPLSHPIRPESYVSMENFYTTTVYDKGSEVMRMYLTIL
GEEYYKKGFDIYIKKNDGNTATCEDFNYAMEQAYKMKKADNSANLNQYLLWFSQSGTPHVSFKYNYDAEKKQYSIHVNQY
TKPDENQKEKKPLFIPISVGLINPENGKEMISQTTLELTKESDTFVFNNIAVKPIPSLFRGFSAPVYIEDQLTDEERILL
LKYDSDAFVRYNSCTNIYMKQILMNYNEFLKAKNEKLESFQLTPVNAQFIDAIKYLLEDPHADAGFKSYIVSLPQDRYII
NFVSNLDTDVLADTKEYIYKQIGDKLNDVYYKMFKSLEAKADDLTYFNDESHVDFDQMNMRTLRNTLLSLLSKAQYPNIL
NEIIEHSKSPYPSNWLTSLSVSAYFDKYFELYDKTYKLSKDDELLLQEWLKTVSRSDRKDIYEILKKLENEVLKDSKNPN
DIRAVYLPFTNNLRRFHDISGKGYKLIAEVITKTDKFNPMVATQLCEPFKLWNKLDTKRQELMLNEMNTMLQEPQISNNL
KEYLLRLTNK
;
_entity_poly.pdbx_strand_id   A
#
# COMPACT_ATOMS: atom_id res chain seq x y z
N PRO A 2 25.65 -13.88 1.84
CA PRO A 2 24.26 -13.55 1.54
C PRO A 2 23.77 -14.22 0.24
N LYS A 3 22.87 -15.19 0.38
CA LYS A 3 22.42 -15.99 -0.76
C LYS A 3 21.43 -15.24 -1.66
N ILE A 4 21.72 -15.21 -2.96
CA ILE A 4 20.86 -14.54 -3.93
C ILE A 4 20.07 -15.54 -4.78
N HIS A 5 18.75 -15.42 -4.77
CA HIS A 5 17.90 -16.31 -5.58
C HIS A 5 17.52 -15.68 -6.91
N TYR A 6 17.62 -16.45 -7.99
CA TYR A 6 17.34 -15.94 -9.34
C TYR A 6 16.12 -16.58 -9.98
N ARG A 7 15.27 -15.76 -10.59
CA ARG A 7 14.03 -16.24 -11.19
C ARG A 7 14.24 -17.34 -12.24
N LYS A 8 15.32 -17.22 -13.01
CA LYS A 8 15.62 -18.21 -14.05
C LYS A 8 15.93 -19.59 -13.45
N ASP A 9 16.25 -19.62 -12.16
CA ASP A 9 16.73 -20.83 -11.52
C ASP A 9 15.64 -21.69 -10.90
N TYR A 10 14.37 -21.39 -11.18
CA TYR A 10 13.29 -22.15 -10.57
C TYR A 10 13.37 -23.64 -10.92
N LYS A 11 13.37 -24.48 -9.88
CA LYS A 11 13.30 -25.93 -10.06
C LYS A 11 12.42 -26.53 -8.98
N PRO A 12 11.50 -27.43 -9.35
CA PRO A 12 10.64 -28.09 -8.38
C PRO A 12 11.47 -28.89 -7.35
N SER A 13 10.92 -29.09 -6.15
CA SER A 13 11.61 -29.83 -5.09
C SER A 13 11.80 -31.29 -5.47
N GLY A 14 12.79 -31.93 -4.86
CA GLY A 14 12.98 -33.37 -5.00
C GLY A 14 12.11 -34.13 -4.01
N PHE A 15 11.31 -33.38 -3.27
CA PHE A 15 10.46 -33.95 -2.24
C PHE A 15 9.03 -33.47 -2.36
N ILE A 16 8.11 -34.22 -1.74
CA ILE A 16 6.71 -33.83 -1.67
C ILE A 16 6.27 -33.89 -0.22
N ILE A 17 5.50 -32.91 0.22
CA ILE A 17 4.88 -32.98 1.53
C ILE A 17 3.37 -33.11 1.31
N ASN A 18 2.82 -34.28 1.62
CA ASN A 18 1.40 -34.52 1.37
C ASN A 18 0.50 -34.11 2.52
N GLN A 19 0.96 -34.34 3.74
CA GLN A 19 0.15 -34.07 4.90
C GLN A 19 1.00 -33.49 6.04
N VAL A 20 0.44 -32.47 6.66
CA VAL A 20 0.99 -31.84 7.84
C VAL A 20 0.04 -32.11 9.01
N THR A 21 0.56 -32.67 10.09
CA THR A 21 -0.23 -32.85 11.29
C THR A 21 0.46 -32.13 12.46
N LEU A 22 -0.12 -31.02 12.90
CA LEU A 22 0.49 -30.18 13.92
C LEU A 22 -0.15 -30.28 15.29
N ASN A 23 0.68 -30.28 16.32
CA ASN A 23 0.22 -30.05 17.68
C ASN A 23 0.96 -28.85 18.25
N ILE A 24 0.23 -27.78 18.52
CA ILE A 24 0.82 -26.55 19.03
C ILE A 24 0.37 -26.35 20.48
N ASN A 25 1.30 -26.56 21.41
CA ASN A 25 0.98 -26.52 22.83
C ASN A 25 1.53 -25.27 23.47
N ILE A 26 0.64 -24.30 23.73
CA ILE A 26 1.05 -22.99 24.22
C ILE A 26 1.14 -22.95 25.74
N HIS A 27 2.30 -22.55 26.23
CA HIS A 27 2.51 -22.37 27.67
C HIS A 27 3.07 -20.98 27.90
N ASP A 28 3.10 -20.55 29.15
CA ASP A 28 3.42 -19.17 29.45
C ASP A 28 4.84 -18.78 29.06
N GLN A 29 5.81 -19.66 29.26
CA GLN A 29 7.19 -19.30 28.90
C GLN A 29 7.76 -20.16 27.78
N GLU A 30 6.90 -20.91 27.09
CA GLU A 30 7.32 -21.69 25.93
C GLU A 30 6.13 -22.23 25.14
N THR A 31 6.34 -22.42 23.84
CA THR A 31 5.35 -23.11 23.05
C THR A 31 5.99 -24.31 22.39
N ILE A 32 5.40 -25.48 22.64
CA ILE A 32 5.89 -26.73 22.09
C ILE A 32 5.17 -27.06 20.81
N VAL A 33 5.92 -27.29 19.74
CA VAL A 33 5.33 -27.62 18.46
C VAL A 33 5.76 -29.01 18.01
N ARG A 34 4.79 -29.93 17.97
CA ARG A 34 5.03 -31.27 17.41
C ARG A 34 4.45 -31.33 16.00
N SER A 35 5.22 -31.86 15.06
CA SER A 35 4.81 -31.89 13.66
C SER A 35 5.14 -33.23 13.03
N VAL A 36 4.15 -33.83 12.38
CA VAL A 36 4.38 -35.01 11.55
C VAL A 36 4.16 -34.61 10.09
N LEU A 37 5.17 -34.83 9.27
CA LEU A 37 5.08 -34.54 7.84
C LEU A 37 5.05 -35.84 7.05
N ASP A 38 3.93 -36.11 6.40
CA ASP A 38 3.82 -37.27 5.53
C ASP A 38 4.41 -36.94 4.17
N MET A 39 5.56 -37.54 3.87
CA MET A 39 6.31 -37.11 2.71
C MET A 39 6.54 -38.19 1.68
N ASP A 40 6.96 -37.75 0.51
CA ASP A 40 7.25 -38.63 -0.60
C ASP A 40 8.44 -38.10 -1.37
N ILE A 41 8.96 -38.95 -2.25
CA ILE A 41 10.06 -38.62 -3.15
C ILE A 41 9.45 -38.16 -4.49
N SER A 42 9.85 -37.00 -4.99
CA SER A 42 9.33 -36.52 -6.27
C SER A 42 10.17 -37.01 -7.44
N LYS A 43 9.65 -36.81 -8.65
CA LYS A 43 10.32 -37.27 -9.87
C LYS A 43 11.60 -36.49 -10.17
N HIS A 44 11.78 -35.37 -9.48
CA HIS A 44 12.95 -34.54 -9.68
C HIS A 44 14.08 -34.89 -8.72
N ASN A 45 13.82 -35.83 -7.82
CA ASN A 45 14.81 -36.26 -6.86
C ASN A 45 16.03 -36.89 -7.53
N VAL A 46 17.22 -36.51 -7.07
CA VAL A 46 18.47 -37.02 -7.61
C VAL A 46 19.34 -37.57 -6.48
N GLY A 47 18.70 -37.99 -5.40
CA GLY A 47 19.39 -38.57 -4.27
C GLY A 47 19.95 -37.56 -3.27
N GLU A 48 19.53 -36.30 -3.37
CA GLU A 48 20.08 -35.25 -2.50
C GLU A 48 19.69 -35.41 -1.03
N ASP A 49 20.40 -34.67 -0.17
CA ASP A 49 20.04 -34.54 1.24
C ASP A 49 18.64 -33.95 1.37
N LEU A 50 17.94 -34.32 2.43
CA LEU A 50 16.64 -33.73 2.76
C LEU A 50 16.85 -32.48 3.62
N VAL A 51 16.65 -31.32 3.03
CA VAL A 51 16.93 -30.07 3.75
C VAL A 51 15.65 -29.30 4.03
N PHE A 52 15.38 -29.08 5.31
CA PHE A 52 14.25 -28.26 5.74
C PHE A 52 14.69 -26.88 6.13
N ASP A 53 13.81 -25.91 5.86
CA ASP A 53 13.91 -24.61 6.50
C ASP A 53 13.48 -24.72 7.95
N GLY A 54 14.21 -24.05 8.84
CA GLY A 54 13.87 -24.01 10.24
C GLY A 54 14.72 -22.95 10.90
N VAL A 55 14.09 -21.84 11.26
CA VAL A 55 14.82 -20.68 11.77
C VAL A 55 14.51 -20.45 13.24
N GLY A 56 15.54 -20.52 14.08
CA GLY A 56 15.42 -20.21 15.49
C GLY A 56 14.70 -21.27 16.29
N LEU A 57 14.69 -22.50 15.79
CA LEU A 57 13.96 -23.58 16.46
C LEU A 57 14.83 -24.29 17.49
N LYS A 58 14.27 -24.62 18.64
CA LYS A 58 14.99 -25.43 19.62
C LYS A 58 14.56 -26.87 19.46
N ILE A 59 15.46 -27.72 19.00
CA ILE A 59 15.12 -29.12 18.76
C ILE A 59 15.02 -29.95 20.03
N ASN A 60 13.86 -30.56 20.25
CA ASN A 60 13.73 -31.58 21.30
C ASN A 60 14.02 -32.95 20.71
N GLU A 61 13.47 -33.20 19.53
CA GLU A 61 13.69 -34.47 18.84
C GLU A 61 13.26 -34.36 17.38
N ILE A 62 13.97 -35.07 16.51
CA ILE A 62 13.48 -35.31 15.16
C ILE A 62 13.53 -36.80 14.83
N SER A 63 12.59 -37.25 14.00
CA SER A 63 12.49 -38.66 13.66
C SER A 63 12.16 -38.86 12.19
N ILE A 64 12.50 -40.05 11.70
CA ILE A 64 12.02 -40.51 10.40
C ILE A 64 11.37 -41.88 10.62
N ASN A 65 10.11 -42.00 10.22
CA ASN A 65 9.33 -43.23 10.47
C ASN A 65 9.41 -43.70 11.92
N ASN A 66 9.19 -42.76 12.86
CA ASN A 66 9.21 -43.04 14.31
C ASN A 66 10.57 -43.45 14.87
N LYS A 67 11.61 -43.39 14.04
CA LYS A 67 12.97 -43.65 14.49
C LYS A 67 13.70 -42.35 14.81
N LYS A 68 14.01 -42.16 16.08
CA LYS A 68 14.73 -40.96 16.52
C LYS A 68 16.06 -40.81 15.77
N LEU A 69 16.30 -39.62 15.24
CA LEU A 69 17.55 -39.30 14.56
C LEU A 69 18.53 -38.69 15.54
N VAL A 70 19.83 -38.84 15.29
CA VAL A 70 20.85 -38.31 16.19
C VAL A 70 21.74 -37.29 15.48
N GLU A 71 21.99 -36.17 16.15
CA GLU A 71 22.75 -35.06 15.57
C GLU A 71 24.24 -35.35 15.41
N GLY A 72 24.77 -35.02 14.24
CA GLY A 72 26.16 -35.26 13.90
C GLY A 72 26.23 -36.45 12.96
N GLU A 73 25.51 -37.50 13.34
CA GLU A 73 25.50 -38.75 12.58
C GLU A 73 24.60 -38.66 11.35
N GLU A 74 23.33 -38.35 11.57
CA GLU A 74 22.32 -38.44 10.53
C GLU A 74 21.76 -37.09 10.10
N TYR A 75 22.08 -36.04 10.86
CA TYR A 75 21.66 -34.70 10.47
C TYR A 75 22.56 -33.61 11.04
N THR A 76 22.33 -32.38 10.60
CA THR A 76 22.95 -31.19 11.22
C THR A 76 21.92 -30.07 11.24
N TYR A 77 21.99 -29.20 12.24
CA TYR A 77 21.13 -28.02 12.26
C TYR A 77 21.97 -26.81 12.66
N ASP A 78 21.80 -25.72 11.91
CA ASP A 78 22.58 -24.49 12.09
C ASP A 78 21.71 -23.28 12.38
N ASN A 79 20.51 -23.52 12.92
CA ASN A 79 19.52 -22.48 13.24
C ASN A 79 18.87 -21.85 12.00
N GLU A 80 19.22 -22.34 10.80
CA GLU A 80 18.58 -21.86 9.58
C GLU A 80 18.06 -23.01 8.71
N PHE A 81 18.90 -24.03 8.54
CA PHE A 81 18.55 -25.22 7.77
C PHE A 81 18.79 -26.49 8.57
N LEU A 82 17.82 -27.40 8.52
CA LEU A 82 17.99 -28.75 9.02
C LEU A 82 18.37 -29.66 7.85
N THR A 83 19.58 -30.21 7.88
CA THR A 83 20.02 -31.11 6.82
C THR A 83 20.00 -32.54 7.31
N ILE A 84 19.27 -33.40 6.61
CA ILE A 84 19.32 -34.83 6.88
C ILE A 84 20.05 -35.50 5.73
N PHE A 85 21.15 -36.18 6.06
CA PHE A 85 22.04 -36.73 5.03
C PHE A 85 21.34 -37.79 4.20
N SER A 86 21.59 -37.74 2.89
CA SER A 86 20.90 -38.57 1.92
C SER A 86 20.83 -40.07 2.29
N LYS A 87 21.92 -40.58 2.86
CA LYS A 87 22.01 -42.01 3.17
C LYS A 87 20.93 -42.44 4.18
N PHE A 88 20.38 -41.48 4.92
CA PHE A 88 19.33 -41.79 5.89
C PHE A 88 17.96 -41.34 5.44
N VAL A 89 17.84 -40.91 4.19
CA VAL A 89 16.55 -40.50 3.66
C VAL A 89 15.92 -41.64 2.86
N PRO A 90 14.71 -42.06 3.26
CA PRO A 90 13.97 -43.15 2.59
C PRO A 90 13.75 -42.89 1.11
N LYS A 91 13.46 -43.95 0.35
CA LYS A 91 13.35 -43.88 -1.10
C LYS A 91 11.90 -43.86 -1.57
N SER A 92 10.97 -44.12 -0.66
CA SER A 92 9.56 -44.03 -0.97
C SER A 92 8.85 -43.21 0.09
N LYS A 93 7.53 -43.35 0.17
CA LYS A 93 6.72 -42.62 1.15
C LYS A 93 7.25 -42.83 2.56
N PHE A 94 7.46 -41.72 3.27
CA PHE A 94 7.95 -41.80 4.63
C PHE A 94 7.37 -40.70 5.51
N ALA A 95 7.54 -40.83 6.81
CA ALA A 95 7.04 -39.83 7.75
C ALA A 95 8.19 -39.12 8.44
N PHE A 96 8.22 -37.80 8.35
CA PHE A 96 9.15 -37.01 9.12
C PHE A 96 8.43 -36.38 10.28
N SER A 97 9.02 -36.46 11.47
CA SER A 97 8.43 -35.79 12.61
C SER A 97 9.47 -35.01 13.42
N SER A 98 8.99 -34.06 14.21
CA SER A 98 9.85 -33.28 15.06
C SER A 98 9.07 -32.66 16.20
N GLU A 99 9.78 -32.31 17.26
CA GLU A 99 9.22 -31.52 18.32
C GLU A 99 10.19 -30.42 18.65
N VAL A 100 9.73 -29.18 18.55
CA VAL A 100 10.58 -28.04 18.80
C VAL A 100 9.94 -27.10 19.80
N ILE A 101 10.77 -26.27 20.42
CA ILE A 101 10.29 -25.25 21.32
C ILE A 101 10.49 -23.88 20.67
N ILE A 102 9.46 -23.06 20.69
CA ILE A 102 9.60 -21.68 20.26
C ILE A 102 9.04 -20.78 21.35
N HIS A 103 9.17 -19.47 21.16
CA HIS A 103 8.83 -18.50 22.20
C HIS A 103 8.11 -17.28 21.67
N PRO A 104 6.80 -17.41 21.40
CA PRO A 104 6.05 -16.26 20.87
C PRO A 104 6.14 -15.04 21.79
N GLU A 105 6.28 -15.28 23.08
CA GLU A 105 6.27 -14.19 24.05
C GLU A 105 7.46 -13.22 23.91
N THR A 106 8.57 -13.68 23.33
CA THR A 106 9.70 -12.78 23.12
C THR A 106 9.94 -12.50 21.64
N ASN A 107 9.02 -12.93 20.79
CA ASN A 107 9.16 -12.75 19.35
C ASN A 107 8.67 -11.37 18.92
N TYR A 108 9.56 -10.38 18.97
CA TYR A 108 9.19 -8.99 18.70
C TYR A 108 9.27 -8.62 17.21
N ALA A 109 9.69 -9.56 16.39
CA ALA A 109 9.80 -9.30 14.95
C ALA A 109 8.46 -9.51 14.24
N LEU A 110 7.51 -10.11 14.96
CA LEU A 110 6.13 -10.27 14.48
C LEU A 110 6.06 -11.11 13.21
N THR A 111 6.96 -12.08 13.12
CA THR A 111 6.97 -13.04 12.03
C THR A 111 7.05 -14.42 12.68
N GLY A 112 6.35 -15.40 12.11
CA GLY A 112 6.21 -16.70 12.75
C GLY A 112 5.10 -16.64 13.80
N LEU A 113 5.29 -17.29 14.94
CA LEU A 113 4.29 -17.23 16.02
C LEU A 113 4.70 -16.21 17.05
N TYR A 114 3.81 -15.30 17.39
CA TYR A 114 4.18 -14.25 18.34
C TYR A 114 3.02 -13.79 19.16
N LYS A 115 3.34 -13.11 20.25
CA LYS A 115 2.33 -12.64 21.16
C LYS A 115 2.13 -11.14 20.93
N SER A 116 0.91 -10.77 20.57
CA SER A 116 0.52 -9.36 20.48
C SER A 116 -0.42 -9.02 21.65
N LYS A 117 0.08 -8.24 22.61
CA LYS A 117 -0.61 -8.00 23.89
C LYS A 117 -0.97 -9.37 24.50
N ASN A 118 -2.25 -9.69 24.60
CA ASN A 118 -2.63 -10.98 25.19
C ASN A 118 -3.20 -11.94 24.15
N ILE A 119 -2.82 -11.73 22.89
CA ILE A 119 -3.22 -12.62 21.81
C ILE A 119 -2.00 -13.30 21.19
N ILE A 120 -2.09 -14.62 21.04
CA ILE A 120 -1.10 -15.38 20.31
C ILE A 120 -1.54 -15.44 18.86
N VAL A 121 -0.65 -15.09 17.95
CA VAL A 121 -1.03 -14.97 16.56
C VAL A 121 0.16 -15.33 15.68
N SER A 122 -0.10 -15.83 14.47
CA SER A 122 0.98 -16.11 13.52
C SER A 122 0.96 -15.18 12.31
N GLN A 123 2.14 -15.00 11.72
CA GLN A 123 2.29 -14.40 10.40
C GLN A 123 3.30 -15.21 9.62
N CYS A 124 2.85 -15.88 8.55
CA CYS A 124 3.74 -16.80 7.84
C CYS A 124 4.23 -16.35 6.46
N GLU A 125 3.48 -15.52 5.73
CA GLU A 125 4.03 -14.95 4.50
C GLU A 125 5.19 -14.01 4.86
N ALA A 126 6.32 -14.09 4.16
CA ALA A 126 6.55 -15.06 3.09
C ALA A 126 7.26 -16.29 3.62
N THR A 127 8.17 -16.09 4.55
CA THR A 127 9.02 -17.16 5.04
C THR A 127 8.95 -17.29 6.55
N GLY A 128 7.76 -17.08 7.12
CA GLY A 128 7.57 -17.18 8.55
C GLY A 128 7.22 -18.58 9.06
N PHE A 129 6.72 -19.45 8.20
CA PHE A 129 6.30 -20.76 8.68
C PHE A 129 7.51 -21.55 9.24
N ARG A 130 8.68 -21.34 8.65
CA ARG A 130 9.91 -22.00 9.10
C ARG A 130 10.36 -21.53 10.49
N ARG A 131 9.72 -20.48 11.01
CA ARG A 131 9.99 -20.03 12.38
C ARG A 131 9.09 -20.73 13.39
N ILE A 132 8.15 -21.51 12.89
CA ILE A 132 7.24 -22.26 13.75
C ILE A 132 7.65 -23.72 13.81
N THR A 133 7.94 -24.30 12.65
CA THR A 133 8.37 -25.69 12.60
C THR A 133 9.16 -25.91 11.32
N PHE A 134 9.78 -27.08 11.19
CA PHE A 134 10.55 -27.40 9.99
C PHE A 134 9.65 -27.60 8.79
N PHE A 135 10.05 -27.06 7.65
CA PHE A 135 9.28 -27.27 6.44
C PHE A 135 10.13 -26.98 5.20
N ILE A 136 9.66 -27.44 4.05
CA ILE A 136 10.24 -26.95 2.80
C ILE A 136 9.42 -25.70 2.46
N ASP A 137 9.82 -24.60 3.09
CA ASP A 137 9.04 -23.37 3.17
C ASP A 137 9.08 -22.57 1.87
N ARG A 138 8.28 -22.99 0.91
CA ARG A 138 8.14 -22.32 -0.39
C ARG A 138 6.74 -22.62 -0.93
N PRO A 139 6.16 -21.68 -1.70
CA PRO A 139 4.71 -21.74 -1.98
C PRO A 139 4.27 -22.85 -2.92
N ASP A 140 5.19 -23.54 -3.58
CA ASP A 140 4.78 -24.65 -4.46
C ASP A 140 4.76 -25.99 -3.72
N MET A 141 5.09 -25.99 -2.44
CA MET A 141 4.96 -27.22 -1.64
C MET A 141 3.55 -27.28 -1.02
N MET A 142 2.58 -27.79 -1.78
CA MET A 142 1.18 -27.85 -1.36
C MET A 142 0.88 -29.06 -0.48
N ALA A 143 0.18 -28.85 0.63
CA ALA A 143 -0.08 -29.95 1.57
C ALA A 143 -1.44 -29.84 2.23
N LYS A 144 -1.89 -30.94 2.84
CA LYS A 144 -3.10 -30.91 3.66
C LYS A 144 -2.69 -30.63 5.11
N TYR A 145 -3.56 -29.99 5.88
CA TYR A 145 -3.22 -29.60 7.25
C TYR A 145 -4.25 -30.06 8.27
N ASP A 146 -3.73 -30.69 9.32
CA ASP A 146 -4.52 -31.14 10.46
C ASP A 146 -3.88 -30.52 11.71
N VAL A 147 -4.53 -29.52 12.30
CA VAL A 147 -3.87 -28.69 13.31
C VAL A 147 -4.57 -28.71 14.66
N THR A 148 -3.82 -29.09 15.70
CA THR A 148 -4.36 -29.03 17.06
C THR A 148 -3.63 -27.96 17.87
N VAL A 149 -4.42 -27.10 18.50
CA VAL A 149 -3.92 -26.07 19.39
C VAL A 149 -4.42 -26.29 20.81
N THR A 150 -3.51 -26.26 21.78
CA THR A 150 -3.90 -26.31 23.20
C THR A 150 -3.33 -25.12 23.96
N ALA A 151 -4.04 -24.68 24.99
CA ALA A 151 -3.62 -23.50 25.76
C ALA A 151 -4.39 -23.42 27.07
N ASP A 152 -3.95 -22.54 27.96
CA ASP A 152 -4.70 -22.24 29.18
C ASP A 152 -6.07 -21.67 28.84
N LYS A 153 -7.11 -22.29 29.36
CA LYS A 153 -8.48 -21.94 28.99
C LYS A 153 -8.86 -20.51 29.35
N GLU A 154 -8.49 -20.07 30.55
CA GLU A 154 -8.87 -18.73 31.01
C GLU A 154 -8.21 -17.62 30.18
N LYS A 155 -6.93 -17.77 29.86
CA LYS A 155 -6.24 -16.76 29.03
C LYS A 155 -6.54 -16.87 27.54
N TYR A 156 -6.79 -18.09 27.06
CA TYR A 156 -6.98 -18.30 25.62
C TYR A 156 -8.22 -19.13 25.31
N PRO A 157 -9.41 -18.61 25.63
CA PRO A 157 -10.66 -19.37 25.43
C PRO A 157 -10.99 -19.56 23.95
N VAL A 158 -10.55 -18.64 23.10
CA VAL A 158 -10.85 -18.72 21.68
C VAL A 158 -9.64 -19.24 20.91
N LEU A 159 -9.83 -20.36 20.21
CA LEU A 159 -8.77 -21.01 19.46
C LEU A 159 -9.19 -21.09 18.01
N LEU A 160 -8.33 -20.61 17.12
CA LEU A 160 -8.62 -20.61 15.68
C LEU A 160 -7.45 -21.08 14.82
N SER A 161 -7.75 -21.88 13.81
CA SER A 161 -6.81 -22.19 12.73
C SER A 161 -7.60 -22.32 11.43
N ASN A 162 -6.93 -22.71 10.33
CA ASN A 162 -7.62 -22.86 9.05
C ASN A 162 -8.55 -24.07 9.09
N GLY A 163 -9.59 -24.03 8.27
CA GLY A 163 -10.44 -25.19 8.05
C GLY A 163 -11.57 -25.33 9.06
N ASP A 164 -12.08 -26.55 9.17
CA ASP A 164 -13.17 -26.84 10.08
C ASP A 164 -12.66 -27.20 11.46
N LYS A 165 -13.27 -26.64 12.49
CA LYS A 165 -13.01 -27.10 13.84
C LYS A 165 -13.75 -28.42 13.99
N VAL A 166 -13.01 -29.49 14.28
CA VAL A 166 -13.63 -30.80 14.31
C VAL A 166 -13.62 -31.43 15.69
N ASN A 167 -12.97 -30.76 16.65
CA ASN A 167 -12.99 -31.24 18.04
C ASN A 167 -12.59 -30.12 19.02
N GLU A 168 -13.25 -30.14 20.18
CA GLU A 168 -12.91 -29.25 21.29
C GLU A 168 -12.88 -30.12 22.54
N PHE A 169 -11.85 -29.98 23.35
CA PHE A 169 -11.72 -30.91 24.49
C PHE A 169 -11.03 -30.24 25.68
N GLU A 170 -11.37 -30.70 26.87
CA GLU A 170 -10.77 -30.21 28.11
C GLU A 170 -9.45 -30.92 28.37
N ILE A 171 -8.55 -30.24 29.07
CA ILE A 171 -7.23 -30.77 29.41
C ILE A 171 -6.92 -30.50 30.88
N PRO A 172 -6.53 -31.54 31.63
CA PRO A 172 -6.17 -31.40 33.05
C PRO A 172 -5.19 -30.26 33.29
N GLY A 173 -5.42 -29.48 34.34
CA GLY A 173 -4.61 -28.32 34.63
C GLY A 173 -5.20 -27.03 34.10
N GLY A 174 -6.49 -27.05 33.80
CA GLY A 174 -7.18 -25.85 33.33
C GLY A 174 -6.85 -25.46 31.90
N ARG A 175 -6.49 -26.46 31.08
CA ARG A 175 -6.21 -26.21 29.67
C ARG A 175 -7.36 -26.76 28.82
N HIS A 176 -7.36 -26.38 27.55
CA HIS A 176 -8.30 -26.97 26.60
C HIS A 176 -7.63 -26.99 25.24
N GLY A 177 -8.20 -27.75 24.32
CA GLY A 177 -7.65 -27.86 22.98
C GLY A 177 -8.73 -27.80 21.92
N ALA A 178 -8.32 -27.46 20.71
CA ALA A 178 -9.19 -27.51 19.56
C ALA A 178 -8.43 -28.06 18.37
N ARG A 179 -9.09 -28.92 17.60
CA ARG A 179 -8.51 -29.51 16.41
C ARG A 179 -9.19 -28.97 15.17
N PHE A 180 -8.39 -28.53 14.20
CA PHE A 180 -8.87 -28.01 12.94
C PHE A 180 -8.35 -28.83 11.78
N ASN A 181 -9.25 -29.39 10.98
CA ASN A 181 -8.84 -30.08 9.78
C ASN A 181 -9.17 -29.29 8.52
N ASP A 182 -8.17 -29.12 7.68
CA ASP A 182 -8.31 -28.31 6.46
C ASP A 182 -7.84 -29.15 5.29
N PRO A 183 -8.72 -30.01 4.77
CA PRO A 183 -8.30 -30.96 3.72
C PRO A 183 -7.82 -30.36 2.38
N PRO A 184 -8.39 -29.24 1.90
CA PRO A 184 -7.86 -28.73 0.63
C PRO A 184 -6.36 -28.37 0.70
N LEU A 185 -5.62 -28.65 -0.36
CA LEU A 185 -4.20 -28.31 -0.41
C LEU A 185 -3.98 -26.80 -0.27
N LYS A 186 -2.90 -26.43 0.41
CA LYS A 186 -2.49 -25.03 0.45
C LYS A 186 -0.99 -24.91 0.68
N PRO A 187 -0.40 -23.76 0.29
CA PRO A 187 0.98 -23.46 0.65
C PRO A 187 1.08 -23.07 2.12
N CYS A 188 2.24 -23.28 2.74
CA CYS A 188 2.36 -23.06 4.18
C CYS A 188 2.27 -21.59 4.58
N TYR A 189 2.49 -20.65 3.64
CA TYR A 189 2.43 -19.25 4.04
C TYR A 189 0.99 -18.84 4.33
N LEU A 190 0.03 -19.68 3.93
CA LEU A 190 -1.37 -19.42 4.20
C LEU A 190 -1.86 -20.11 5.48
N PHE A 191 -0.98 -20.85 6.15
CA PHE A 191 -1.30 -21.36 7.47
C PHE A 191 -1.47 -20.23 8.49
N ALA A 192 -2.39 -20.39 9.44
CA ALA A 192 -2.44 -19.43 10.54
C ALA A 192 -3.03 -20.04 11.80
N VAL A 193 -2.69 -19.45 12.93
CA VAL A 193 -3.26 -19.85 14.19
C VAL A 193 -3.43 -18.61 15.04
N VAL A 194 -4.51 -18.59 15.82
CA VAL A 194 -4.83 -17.50 16.73
C VAL A 194 -5.34 -18.08 18.04
N ALA A 195 -4.84 -17.55 19.16
CA ALA A 195 -5.32 -17.93 20.48
C ALA A 195 -5.48 -16.67 21.32
N GLY A 196 -6.63 -16.54 21.98
CA GLY A 196 -6.85 -15.39 22.84
C GLY A 196 -8.24 -15.27 23.41
N ASP A 197 -8.43 -14.26 24.25
CA ASP A 197 -9.71 -13.95 24.87
C ASP A 197 -10.47 -13.00 23.96
N LEU A 198 -10.87 -13.52 22.80
CA LEU A 198 -11.45 -12.70 21.74
C LEU A 198 -12.96 -12.57 21.87
N LYS A 199 -13.45 -11.35 21.62
CA LYS A 199 -14.88 -11.11 21.49
C LYS A 199 -15.19 -10.88 20.01
N HIS A 200 -16.44 -11.10 19.61
CA HIS A 200 -16.75 -11.04 18.18
C HIS A 200 -18.09 -10.40 17.83
N LEU A 201 -18.17 -9.96 16.58
CA LEU A 201 -19.45 -9.74 15.90
C LEU A 201 -19.59 -10.77 14.80
N SER A 202 -20.84 -11.10 14.47
CA SER A 202 -21.16 -12.30 13.71
C SER A 202 -22.30 -12.04 12.71
N ALA A 203 -22.20 -12.64 11.54
CA ALA A 203 -23.30 -12.59 10.56
C ALA A 203 -23.31 -13.84 9.67
N THR A 204 -24.44 -14.09 9.02
CA THR A 204 -24.51 -15.16 8.02
C THR A 204 -24.74 -14.57 6.64
N TYR A 205 -23.89 -14.94 5.69
CA TYR A 205 -24.02 -14.48 4.31
C TYR A 205 -24.47 -15.63 3.43
N ILE A 206 -25.50 -15.41 2.61
CA ILE A 206 -25.94 -16.43 1.69
C ILE A 206 -25.47 -16.08 0.29
N THR A 207 -24.67 -16.97 -0.32
CA THR A 207 -24.05 -16.66 -1.61
C THR A 207 -25.09 -16.56 -2.71
N LYS A 208 -24.73 -15.86 -3.78
CA LYS A 208 -25.69 -15.42 -4.79
C LYS A 208 -26.29 -16.55 -5.64
N TYR A 209 -25.45 -17.49 -6.06
CA TYR A 209 -25.89 -18.47 -7.05
C TYR A 209 -26.16 -19.85 -6.45
N THR A 210 -25.28 -20.31 -5.57
CA THR A 210 -25.44 -21.64 -5.00
C THR A 210 -26.12 -21.60 -3.64
N LYS A 211 -26.37 -20.39 -3.14
CA LYS A 211 -27.15 -20.20 -1.92
C LYS A 211 -26.50 -20.88 -0.70
N LYS A 212 -25.18 -20.97 -0.70
CA LYS A 212 -24.43 -21.51 0.43
C LYS A 212 -24.42 -20.54 1.61
N LYS A 213 -24.63 -21.05 2.82
CA LYS A 213 -24.55 -20.21 4.00
C LYS A 213 -23.10 -20.06 4.48
N VAL A 214 -22.62 -18.83 4.54
CA VAL A 214 -21.29 -18.56 5.06
C VAL A 214 -21.39 -17.81 6.39
N GLU A 215 -20.76 -18.36 7.42
CA GLU A 215 -20.68 -17.67 8.69
C GLU A 215 -19.54 -16.67 8.63
N LEU A 216 -19.83 -15.42 8.99
CA LEU A 216 -18.86 -14.36 9.06
C LEU A 216 -18.58 -13.97 10.51
N TYR A 217 -17.32 -14.01 10.92
CA TYR A 217 -16.95 -13.59 12.27
C TYR A 217 -15.87 -12.53 12.21
N VAL A 218 -16.03 -11.45 12.99
CA VAL A 218 -14.95 -10.47 13.15
C VAL A 218 -14.60 -10.38 14.63
N PHE A 219 -13.30 -10.45 14.95
CA PHE A 219 -12.81 -10.61 16.33
C PHE A 219 -11.88 -9.48 16.77
N SER A 220 -11.94 -9.14 18.05
CA SER A 220 -10.96 -8.24 18.64
C SER A 220 -10.84 -8.54 20.12
N GLU A 221 -9.94 -7.83 20.79
CA GLU A 221 -9.89 -7.90 22.23
C GLU A 221 -11.17 -7.27 22.75
N GLU A 222 -11.55 -7.65 23.96
CA GLU A 222 -12.81 -7.23 24.54
C GLU A 222 -13.02 -5.72 24.60
N LYS A 223 -11.94 -4.99 24.90
CA LYS A 223 -12.02 -3.54 25.06
C LYS A 223 -12.54 -2.85 23.80
N TYR A 224 -12.28 -3.43 22.63
CA TYR A 224 -12.61 -2.73 21.39
C TYR A 224 -13.65 -3.44 20.52
N VAL A 225 -14.40 -4.35 21.14
CA VAL A 225 -15.41 -5.09 20.38
C VAL A 225 -16.46 -4.15 19.77
N SER A 226 -16.60 -2.95 20.34
CA SER A 226 -17.56 -1.99 19.78
C SER A 226 -17.04 -1.31 18.51
N LYS A 227 -15.83 -1.65 18.08
CA LYS A 227 -15.25 -1.03 16.88
C LYS A 227 -15.25 -1.97 15.69
N LEU A 228 -16.04 -3.04 15.78
CA LEU A 228 -16.01 -4.12 14.79
C LEU A 228 -17.05 -4.01 13.67
N GLN A 229 -18.05 -3.16 13.83
CA GLN A 229 -19.20 -3.17 12.92
C GLN A 229 -18.87 -2.84 11.46
N TRP A 230 -18.08 -1.80 11.22
CA TRP A 230 -17.80 -1.37 9.85
C TRP A 230 -17.09 -2.49 9.08
N ALA A 231 -16.11 -3.12 9.72
CA ALA A 231 -15.40 -4.27 9.16
C ALA A 231 -16.33 -5.34 8.61
N LEU A 232 -17.31 -5.73 9.43
CA LEU A 232 -18.26 -6.76 9.02
C LEU A 232 -19.06 -6.27 7.82
N GLU A 233 -19.45 -5.00 7.81
CA GLU A 233 -20.18 -4.46 6.66
C GLU A 233 -19.32 -4.50 5.41
N CYS A 234 -18.03 -4.16 5.55
CA CYS A 234 -17.11 -4.19 4.42
C CYS A 234 -16.95 -5.60 3.86
N LEU A 235 -16.90 -6.59 4.75
CA LEU A 235 -16.75 -7.97 4.31
C LEU A 235 -17.96 -8.38 3.47
N LYS A 236 -19.16 -8.07 3.97
CA LYS A 236 -20.38 -8.35 3.21
C LYS A 236 -20.30 -7.70 1.85
N LYS A 237 -19.88 -6.44 1.85
CA LYS A 237 -19.77 -5.69 0.59
C LYS A 237 -18.77 -6.33 -0.37
N SER A 238 -17.65 -6.83 0.17
CA SER A 238 -16.62 -7.46 -0.65
C SER A 238 -17.16 -8.71 -1.33
N MET A 239 -17.87 -9.52 -0.54
CA MET A 239 -18.39 -10.78 -1.06
C MET A 239 -19.39 -10.50 -2.16
N ALA A 240 -20.25 -9.49 -1.95
CA ALA A 240 -21.24 -9.12 -2.96
C ALA A 240 -20.57 -8.66 -4.24
N PHE A 241 -19.49 -7.89 -4.11
CA PHE A 241 -18.84 -7.33 -5.30
C PHE A 241 -18.20 -8.42 -6.17
N ASP A 242 -17.53 -9.38 -5.52
CA ASP A 242 -16.88 -10.47 -6.26
C ASP A 242 -17.98 -11.25 -6.97
N GLU A 243 -19.13 -11.41 -6.31
CA GLU A 243 -20.27 -12.06 -6.95
C GLU A 243 -20.80 -11.27 -8.15
N ASP A 244 -20.98 -9.96 -7.97
CA ASP A 244 -21.66 -9.13 -8.97
C ASP A 244 -20.77 -8.79 -10.16
N TYR A 245 -19.53 -8.40 -9.89
CA TYR A 245 -18.63 -8.02 -10.97
C TYR A 245 -18.01 -9.25 -11.64
N PHE A 246 -17.54 -10.19 -10.82
CA PHE A 246 -16.77 -11.33 -11.32
C PHE A 246 -17.50 -12.67 -11.35
N GLY A 247 -18.70 -12.70 -10.78
CA GLY A 247 -19.48 -13.92 -10.72
C GLY A 247 -18.85 -14.97 -9.84
N LEU A 248 -18.09 -14.53 -8.83
CA LEU A 248 -17.35 -15.45 -7.96
C LEU A 248 -17.89 -15.48 -6.52
N GLU A 249 -18.28 -16.67 -6.06
CA GLU A 249 -18.72 -16.85 -4.67
C GLU A 249 -17.64 -17.45 -3.78
N TYR A 250 -17.79 -17.19 -2.48
CA TYR A 250 -16.92 -17.77 -1.47
C TYR A 250 -17.18 -19.28 -1.37
N ASP A 251 -16.11 -20.05 -1.16
CA ASP A 251 -16.19 -21.51 -1.22
C ASP A 251 -16.10 -22.21 0.13
N LEU A 252 -15.85 -21.47 1.20
CA LEU A 252 -15.74 -22.09 2.52
C LEU A 252 -16.97 -21.79 3.39
N SER A 253 -17.11 -22.55 4.47
CA SER A 253 -18.29 -22.43 5.36
C SER A 253 -18.21 -21.21 6.26
N ARG A 254 -16.99 -20.73 6.49
CA ARG A 254 -16.79 -19.70 7.49
C ARG A 254 -15.58 -18.86 7.16
N LEU A 255 -15.66 -17.57 7.49
CA LEU A 255 -14.55 -16.66 7.30
C LEU A 255 -14.38 -15.85 8.58
N ASN A 256 -13.19 -15.92 9.16
CA ASN A 256 -12.86 -15.14 10.35
C ASN A 256 -11.93 -13.98 10.02
N LEU A 257 -12.22 -12.81 10.57
CA LEU A 257 -11.29 -11.68 10.53
C LEU A 257 -10.85 -11.39 11.95
N VAL A 258 -9.55 -11.28 12.20
CA VAL A 258 -9.07 -11.06 13.56
C VAL A 258 -8.16 -9.86 13.61
N ALA A 259 -8.43 -8.94 14.55
CA ALA A 259 -7.56 -7.78 14.74
C ALA A 259 -6.56 -8.00 15.85
N VAL A 260 -5.30 -7.61 15.61
CA VAL A 260 -4.31 -7.61 16.68
C VAL A 260 -3.58 -6.26 16.66
N SER A 261 -3.03 -5.87 17.80
CA SER A 261 -2.45 -4.55 17.97
C SER A 261 -1.08 -4.41 17.32
N ASP A 262 -0.34 -5.53 17.24
CA ASP A 262 1.01 -5.55 16.72
C ASP A 262 1.08 -6.29 15.38
N PHE A 263 1.27 -5.56 14.28
CA PHE A 263 1.31 -6.16 12.96
C PHE A 263 2.19 -5.34 12.04
N ASN A 264 3.00 -6.01 11.21
CA ASN A 264 3.98 -5.28 10.38
C ASN A 264 3.38 -4.50 9.23
N VAL A 265 2.22 -4.96 8.76
CA VAL A 265 1.57 -4.35 7.58
C VAL A 265 0.08 -4.16 7.89
N GLY A 266 -0.73 -3.95 6.87
CA GLY A 266 -2.16 -3.80 7.07
C GLY A 266 -2.88 -5.09 7.47
N ALA A 267 -2.70 -6.16 6.68
CA ALA A 267 -3.35 -7.46 6.98
C ALA A 267 -2.78 -8.60 6.15
N MET A 268 -3.33 -9.80 6.37
CA MET A 268 -2.83 -11.02 5.76
C MET A 268 -3.99 -11.96 5.43
N GLU A 269 -3.93 -12.56 4.24
CA GLU A 269 -5.03 -13.33 3.67
C GLU A 269 -5.07 -14.83 4.04
N ASN A 270 -4.66 -15.20 5.25
CA ASN A 270 -4.65 -16.63 5.61
C ASN A 270 -6.01 -17.25 5.41
N LYS A 271 -6.03 -18.38 4.74
CA LYS A 271 -7.26 -19.03 4.27
C LYS A 271 -8.31 -19.19 5.38
N GLY A 272 -9.41 -18.45 5.25
CA GLY A 272 -10.53 -18.53 6.19
C GLY A 272 -10.23 -17.83 7.51
N LEU A 273 -9.06 -17.22 7.62
CA LEU A 273 -8.60 -16.67 8.87
C LEU A 273 -7.71 -15.46 8.62
N ASN A 274 -8.32 -14.39 8.08
CA ASN A 274 -7.59 -13.18 7.75
C ASN A 274 -7.20 -12.45 9.02
N ILE A 275 -5.94 -12.03 9.12
CA ILE A 275 -5.45 -11.40 10.34
C ILE A 275 -5.03 -9.97 10.01
N PHE A 276 -5.45 -9.03 10.85
CA PHE A 276 -5.36 -7.59 10.55
C PHE A 276 -4.60 -6.84 11.63
N ASN A 277 -3.74 -5.92 11.20
CA ASN A 277 -3.41 -4.76 12.02
C ASN A 277 -4.72 -4.17 12.54
N ALA A 278 -4.85 -3.98 13.86
CA ALA A 278 -6.06 -3.36 14.39
C ALA A 278 -6.39 -2.03 13.69
N ASN A 279 -5.39 -1.29 13.25
CA ASN A 279 -5.70 0.01 12.61
C ASN A 279 -6.34 -0.14 11.23
N SER A 280 -6.34 -1.35 10.69
CA SER A 280 -6.98 -1.60 9.41
C SER A 280 -8.23 -2.50 9.52
N LEU A 281 -8.74 -2.69 10.74
CA LEU A 281 -9.97 -3.46 10.91
C LEU A 281 -10.95 -2.71 11.84
N LEU A 282 -10.42 -1.99 12.82
CA LEU A 282 -11.26 -1.42 13.88
C LEU A 282 -11.51 0.07 13.70
N ALA A 283 -12.77 0.49 13.83
CA ALA A 283 -13.12 1.91 13.84
C ALA A 283 -14.44 2.14 14.54
N SER A 284 -14.57 3.31 15.16
CA SER A 284 -15.87 3.84 15.53
C SER A 284 -15.85 5.33 15.22
N LYS A 285 -17.04 5.92 15.05
CA LYS A 285 -17.08 7.30 14.61
C LYS A 285 -16.58 8.19 15.73
N LYS A 286 -16.73 7.71 16.96
CA LYS A 286 -16.25 8.50 18.06
C LYS A 286 -14.73 8.47 18.24
N ASN A 287 -14.04 7.37 17.89
CA ASN A 287 -12.59 7.45 18.14
C ASN A 287 -11.74 7.00 16.94
N SER A 288 -12.23 7.28 15.74
CA SER A 288 -11.44 7.06 14.54
C SER A 288 -11.53 8.32 13.68
N ILE A 289 -10.44 8.63 12.97
CA ILE A 289 -10.53 9.68 11.96
C ILE A 289 -11.16 9.08 10.71
N ASP A 290 -11.65 9.96 9.85
CA ASP A 290 -12.38 9.57 8.66
C ASP A 290 -11.62 8.58 7.78
N PHE A 291 -10.30 8.75 7.65
CA PHE A 291 -9.55 7.89 6.74
CA PHE A 291 -9.48 7.90 6.79
C PHE A 291 -9.63 6.41 7.12
N SER A 292 -9.96 6.11 8.37
CA SER A 292 -10.08 4.71 8.80
C SER A 292 -11.12 3.96 7.98
N TYR A 293 -12.15 4.66 7.52
CA TYR A 293 -13.28 3.97 6.89
C TYR A 293 -12.92 3.48 5.48
N ALA A 294 -12.28 4.32 4.68
CA ALA A 294 -11.73 3.86 3.41
C ALA A 294 -10.63 2.82 3.63
N ARG A 295 -9.82 3.00 4.66
CA ARG A 295 -8.72 2.08 4.92
C ARG A 295 -9.21 0.64 5.21
N ILE A 296 -10.22 0.53 6.06
CA ILE A 296 -10.78 -0.78 6.43
C ILE A 296 -11.48 -1.37 5.21
N LEU A 297 -12.21 -0.54 4.49
CA LEU A 297 -12.89 -1.01 3.28
C LEU A 297 -11.88 -1.62 2.31
N THR A 298 -10.78 -0.90 2.11
CA THR A 298 -9.70 -1.39 1.26
C THR A 298 -9.03 -2.68 1.73
N VAL A 299 -8.73 -2.76 3.02
CA VAL A 299 -7.90 -3.86 3.47
C VAL A 299 -8.77 -5.13 3.64
N VAL A 300 -9.96 -4.96 4.20
CA VAL A 300 -10.91 -6.07 4.23
C VAL A 300 -11.19 -6.54 2.82
N GLY A 301 -11.51 -5.61 1.92
CA GLY A 301 -11.77 -6.00 0.55
C GLY A 301 -10.57 -6.73 -0.04
N HIS A 302 -9.39 -6.15 0.14
CA HIS A 302 -8.19 -6.72 -0.42
C HIS A 302 -7.98 -8.16 0.06
N GLU A 303 -8.04 -8.40 1.36
CA GLU A 303 -7.79 -9.77 1.83
C GLU A 303 -8.87 -10.73 1.36
N TYR A 304 -10.09 -10.25 1.23
CA TYR A 304 -11.14 -11.12 0.68
C TYR A 304 -10.87 -11.52 -0.79
N PHE A 305 -10.52 -10.55 -1.62
CA PHE A 305 -10.34 -10.82 -3.06
C PHE A 305 -9.18 -11.79 -3.28
N HIS A 306 -8.24 -11.82 -2.33
CA HIS A 306 -7.17 -12.81 -2.36
C HIS A 306 -7.72 -14.25 -2.43
N GLN A 307 -8.92 -14.47 -1.91
CA GLN A 307 -9.39 -15.86 -1.79
C GLN A 307 -9.34 -16.56 -3.16
N TYR A 308 -9.64 -15.82 -4.21
CA TYR A 308 -9.40 -16.32 -5.56
C TYR A 308 -7.99 -16.03 -6.07
N THR A 309 -7.61 -14.77 -6.03
CA THR A 309 -6.35 -14.34 -6.66
C THR A 309 -5.23 -14.38 -5.60
N GLY A 310 -4.77 -15.60 -5.34
CA GLY A 310 -3.75 -15.83 -4.34
C GLY A 310 -3.97 -17.16 -3.62
N ASN A 311 -5.22 -17.43 -3.21
CA ASN A 311 -5.53 -18.60 -2.37
C ASN A 311 -6.05 -19.80 -3.16
N ARG A 312 -6.87 -19.57 -4.18
CA ARG A 312 -7.34 -20.67 -5.02
C ARG A 312 -6.44 -20.82 -6.22
N VAL A 313 -6.09 -19.70 -6.85
CA VAL A 313 -5.01 -19.68 -7.83
C VAL A 313 -3.77 -19.14 -7.12
N THR A 314 -2.77 -20.00 -6.97
CA THR A 314 -1.60 -19.68 -6.16
C THR A 314 -0.35 -19.37 -6.97
N LEU A 315 0.72 -19.01 -6.27
CA LEU A 315 2.01 -18.71 -6.93
C LEU A 315 2.91 -19.93 -7.01
N ARG A 316 3.58 -20.08 -8.14
CA ARG A 316 4.60 -21.10 -8.30
C ARG A 316 5.82 -20.80 -7.45
N ASP A 317 6.16 -19.51 -7.37
CA ASP A 317 7.37 -19.06 -6.69
C ASP A 317 7.20 -17.58 -6.39
N TRP A 318 8.05 -17.03 -5.54
CA TRP A 318 7.86 -15.66 -5.08
C TRP A 318 8.11 -14.60 -6.15
N PHE A 319 8.73 -14.96 -7.27
CA PHE A 319 8.94 -13.95 -8.31
C PHE A 319 7.62 -13.61 -8.97
N GLN A 320 6.63 -14.48 -8.79
CA GLN A 320 5.30 -14.21 -9.31
C GLN A 320 4.46 -13.32 -8.39
N LEU A 321 5.08 -12.75 -7.35
CA LEU A 321 4.30 -12.05 -6.32
C LEU A 321 3.26 -11.06 -6.87
N THR A 322 3.62 -10.32 -7.93
CA THR A 322 2.72 -9.29 -8.45
C THR A 322 1.46 -9.89 -9.06
N LEU A 323 1.56 -11.15 -9.51
CA LEU A 323 0.39 -11.84 -10.04
C LEU A 323 -0.75 -11.97 -9.00
N LYS A 324 -0.41 -12.17 -7.74
CA LYS A 324 -1.46 -12.13 -6.71
C LYS A 324 -1.57 -10.74 -6.09
N GLU A 325 -0.50 -9.96 -6.00
CA GLU A 325 -0.63 -8.67 -5.30
C GLU A 325 -1.11 -7.54 -6.23
N GLY A 326 -0.49 -7.37 -7.39
CA GLY A 326 -0.99 -6.39 -8.34
C GLY A 326 -2.44 -6.65 -8.72
N LEU A 327 -2.78 -7.92 -8.93
CA LEU A 327 -4.12 -8.28 -9.37
C LEU A 327 -5.15 -8.05 -8.24
N THR A 328 -4.77 -8.38 -7.02
CA THR A 328 -5.68 -8.18 -5.90
C THR A 328 -5.86 -6.70 -5.57
N VAL A 329 -4.80 -5.89 -5.64
CA VAL A 329 -4.97 -4.44 -5.48
C VAL A 329 -5.91 -3.91 -6.56
N HIS A 330 -5.74 -4.38 -7.79
CA HIS A 330 -6.62 -3.96 -8.88
C HIS A 330 -8.08 -4.31 -8.56
N ARG A 331 -8.30 -5.51 -8.03
CA ARG A 331 -9.65 -5.94 -7.73
C ARG A 331 -10.23 -5.09 -6.60
N GLU A 332 -9.40 -4.80 -5.59
CA GLU A 332 -9.84 -3.92 -4.49
C GLU A 332 -10.10 -2.51 -5.00
N ASN A 333 -9.29 -2.03 -5.95
CA ASN A 333 -9.50 -0.69 -6.50
C ASN A 333 -10.85 -0.62 -7.20
N LEU A 334 -11.19 -1.64 -8.00
CA LEU A 334 -12.49 -1.66 -8.67
C LEU A 334 -13.63 -1.65 -7.67
N PHE A 335 -13.46 -2.47 -6.63
CA PHE A 335 -14.42 -2.58 -5.55
C PHE A 335 -14.64 -1.21 -4.85
N SER A 336 -13.54 -0.57 -4.46
CA SER A 336 -13.64 0.65 -3.69
C SER A 336 -14.20 1.79 -4.54
N GLU A 337 -13.81 1.85 -5.80
CA GLU A 337 -14.42 2.86 -6.67
C GLU A 337 -15.93 2.66 -6.75
N GLU A 338 -16.38 1.42 -6.79
CA GLU A 338 -17.81 1.13 -6.85
C GLU A 338 -18.50 1.43 -5.52
N MET A 339 -17.81 1.21 -4.41
CA MET A 339 -18.43 1.43 -3.10
C MET A 339 -18.50 2.92 -2.73
N THR A 340 -17.45 3.68 -3.05
CA THR A 340 -17.36 5.07 -2.60
C THR A 340 -18.13 6.01 -3.54
N LYS A 341 -18.20 5.65 -4.81
CA LYS A 341 -18.81 6.52 -5.83
C LYS A 341 -18.27 7.95 -5.81
N THR A 342 -16.99 8.11 -5.50
CA THR A 342 -16.38 9.45 -5.54
C THR A 342 -15.18 9.40 -6.47
N VAL A 343 -14.96 10.46 -7.22
CA VAL A 343 -13.83 10.48 -8.15
C VAL A 343 -12.49 10.56 -7.40
N THR A 344 -12.51 11.01 -6.15
CA THR A 344 -11.25 11.11 -5.41
C THR A 344 -10.66 9.75 -5.06
N THR A 345 -11.47 8.69 -5.12
CA THR A 345 -10.91 7.37 -4.88
C THR A 345 -9.82 7.02 -5.91
N ARG A 346 -10.12 7.19 -7.20
CA ARG A 346 -9.13 6.93 -8.23
C ARG A 346 -8.01 7.96 -8.15
N LEU A 347 -8.37 9.22 -7.90
CA LEU A 347 -7.37 10.27 -7.83
C LEU A 347 -6.37 9.97 -6.73
N SER A 348 -6.83 9.44 -5.59
CA SER A 348 -5.90 9.20 -4.50
C SER A 348 -4.90 8.09 -4.82
N HIS A 349 -5.30 7.10 -5.61
CA HIS A 349 -4.38 6.02 -5.98
CA HIS A 349 -4.37 6.03 -6.00
C HIS A 349 -3.33 6.54 -6.97
N VAL A 350 -3.76 7.37 -7.92
CA VAL A 350 -2.84 7.99 -8.86
C VAL A 350 -1.88 8.90 -8.09
N ASP A 351 -2.45 9.68 -7.15
CA ASP A 351 -1.65 10.60 -6.36
C ASP A 351 -0.53 9.85 -5.63
N LEU A 352 -0.87 8.68 -5.10
CA LEU A 352 0.10 7.87 -4.39
C LEU A 352 1.11 7.21 -5.34
N LEU A 353 0.63 6.67 -6.46
CA LEU A 353 1.55 6.08 -7.44
C LEU A 353 2.63 7.07 -7.91
N ARG A 354 2.18 8.25 -8.34
CA ARG A 354 3.08 9.19 -9.00
C ARG A 354 4.00 9.89 -8.00
N SER A 355 3.67 9.80 -6.72
CA SER A 355 4.57 10.32 -5.71
C SER A 355 5.52 9.21 -5.24
N VAL A 356 4.98 8.25 -4.50
CA VAL A 356 5.79 7.23 -3.86
C VAL A 356 6.38 6.19 -4.82
N GLN A 357 5.58 5.65 -5.73
CA GLN A 357 6.09 4.60 -6.61
C GLN A 357 7.00 5.18 -7.72
N PHE A 358 6.69 6.36 -8.24
CA PHE A 358 7.58 6.95 -9.23
C PHE A 358 8.95 7.24 -8.60
N LEU A 359 8.94 7.73 -7.36
CA LEU A 359 10.21 7.96 -6.64
C LEU A 359 11.02 6.66 -6.56
N GLU A 360 10.39 5.58 -6.11
CA GLU A 360 11.06 4.29 -6.08
C GLU A 360 11.61 3.89 -7.45
N ASP A 361 10.81 4.10 -8.51
CA ASP A 361 11.20 3.63 -9.85
C ASP A 361 12.35 4.42 -10.48
N SER A 362 12.68 5.59 -9.95
CA SER A 362 13.87 6.30 -10.43
C SER A 362 15.00 6.28 -9.39
N SER A 363 14.79 5.56 -8.30
CA SER A 363 15.81 5.39 -7.27
C SER A 363 16.71 4.20 -7.61
N PRO A 364 17.84 4.05 -6.89
CA PRO A 364 18.68 2.85 -7.07
C PRO A 364 17.95 1.55 -6.70
N LEU A 365 16.80 1.67 -6.05
CA LEU A 365 15.99 0.51 -5.70
C LEU A 365 15.09 0.03 -6.85
N SER A 366 15.09 0.79 -7.95
CA SER A 366 14.22 0.48 -9.10
C SER A 366 14.24 -0.99 -9.53
N HIS A 367 13.05 -1.56 -9.72
CA HIS A 367 12.92 -2.95 -10.13
C HIS A 367 11.64 -3.08 -10.96
N PRO A 368 11.58 -4.09 -11.85
CA PRO A 368 10.31 -4.33 -12.55
C PRO A 368 9.32 -4.99 -11.58
N ILE A 369 8.05 -5.09 -11.99
CA ILE A 369 7.07 -5.67 -11.08
C ILE A 369 7.30 -7.16 -10.90
N ARG A 370 8.03 -7.78 -11.84
CA ARG A 370 8.58 -9.12 -11.63
C ARG A 370 10.11 -9.10 -11.65
N PRO A 371 10.74 -8.98 -10.49
CA PRO A 371 12.20 -8.91 -10.39
C PRO A 371 12.90 -10.17 -10.87
N GLU A 372 14.19 -10.06 -11.15
CA GLU A 372 14.98 -11.20 -11.59
C GLU A 372 15.69 -11.89 -10.43
N SER A 373 15.74 -11.23 -9.27
CA SER A 373 16.48 -11.76 -8.12
C SER A 373 16.04 -11.13 -6.81
N TYR A 374 16.29 -11.84 -5.71
CA TYR A 374 16.06 -11.29 -4.37
C TYR A 374 17.01 -11.93 -3.36
N VAL A 375 17.15 -11.28 -2.20
CA VAL A 375 17.89 -11.85 -1.09
C VAL A 375 16.96 -12.06 0.11
N SER A 376 16.37 -10.98 0.58
CA SER A 376 15.43 -11.04 1.68
C SER A 376 14.02 -10.86 1.13
N MET A 377 13.17 -11.88 1.32
CA MET A 377 11.82 -11.83 0.80
C MET A 377 11.03 -10.65 1.34
N GLU A 378 11.38 -10.22 2.56
CA GLU A 378 10.62 -9.18 3.20
C GLU A 378 10.79 -7.86 2.42
N ASN A 379 11.91 -7.72 1.69
CA ASN A 379 12.16 -6.52 0.90
C ASN A 379 11.46 -6.51 -0.47
N PHE A 380 10.82 -7.63 -0.81
CA PHE A 380 10.11 -7.84 -2.08
C PHE A 380 8.74 -7.13 -2.14
N TYR A 381 8.15 -6.82 -0.98
CA TYR A 381 6.78 -6.31 -0.90
C TYR A 381 6.73 -4.79 -1.04
N THR A 382 6.84 -4.34 -2.29
CA THR A 382 7.09 -2.93 -2.57
C THR A 382 5.92 -2.26 -3.26
N THR A 383 5.90 -0.93 -3.21
CA THR A 383 4.91 -0.18 -3.97
C THR A 383 5.01 -0.46 -5.48
N THR A 384 6.20 -0.78 -5.97
CA THR A 384 6.32 -1.16 -7.38
C THR A 384 5.51 -2.44 -7.64
N VAL A 385 5.79 -3.49 -6.85
CA VAL A 385 5.11 -4.77 -7.05
C VAL A 385 3.60 -4.63 -6.85
N TYR A 386 3.20 -3.86 -5.84
CA TYR A 386 1.77 -3.72 -5.52
C TYR A 386 1.04 -2.72 -6.42
N ASP A 387 1.55 -1.50 -6.47
CA ASP A 387 0.78 -0.39 -7.04
C ASP A 387 1.04 -0.20 -8.54
N LYS A 388 2.30 -0.29 -8.97
CA LYS A 388 2.52 -0.33 -10.41
C LYS A 388 1.97 -1.67 -10.92
N GLY A 389 2.14 -2.73 -10.14
CA GLY A 389 1.51 -3.99 -10.49
C GLY A 389 0.02 -3.84 -10.73
N SER A 390 -0.67 -3.14 -9.84
CA SER A 390 -2.11 -2.95 -10.01
CA SER A 390 -2.10 -2.91 -9.99
C SER A 390 -2.42 -2.13 -11.27
N GLU A 391 -1.58 -1.14 -11.58
CA GLU A 391 -1.81 -0.35 -12.79
C GLU A 391 -1.60 -1.20 -14.04
N VAL A 392 -0.66 -2.15 -13.98
CA VAL A 392 -0.45 -3.06 -15.11
C VAL A 392 -1.66 -4.00 -15.25
N MET A 393 -2.21 -4.44 -14.13
CA MET A 393 -3.41 -5.27 -14.19
C MET A 393 -4.59 -4.46 -14.68
N ARG A 394 -4.67 -3.20 -14.25
CA ARG A 394 -5.77 -2.31 -14.65
C ARG A 394 -5.74 -2.01 -16.17
N MET A 395 -4.54 -1.89 -16.75
CA MET A 395 -4.44 -1.59 -18.18
C MET A 395 -5.13 -2.66 -19.05
N TYR A 396 -5.09 -3.91 -18.61
CA TYR A 396 -5.79 -4.97 -19.36
C TYR A 396 -7.28 -4.63 -19.52
N LEU A 397 -7.90 -4.19 -18.43
CA LEU A 397 -9.28 -3.73 -18.44
C LEU A 397 -9.50 -2.53 -19.37
N THR A 398 -8.60 -1.56 -19.30
CA THR A 398 -8.65 -0.42 -20.22
C THR A 398 -8.57 -0.84 -21.70
N ILE A 399 -7.63 -1.73 -22.02
CA ILE A 399 -7.47 -2.22 -23.38
C ILE A 399 -8.68 -3.03 -23.85
N LEU A 400 -9.18 -3.92 -23.00
CA LEU A 400 -10.22 -4.85 -23.41
C LEU A 400 -11.65 -4.34 -23.31
N GLY A 401 -11.88 -3.37 -22.43
CA GLY A 401 -13.23 -3.00 -22.07
C GLY A 401 -13.78 -4.00 -21.05
N GLU A 402 -14.86 -3.61 -20.37
CA GLU A 402 -15.34 -4.38 -19.25
C GLU A 402 -15.79 -5.79 -19.63
N GLU A 403 -16.48 -5.93 -20.75
CA GLU A 403 -17.04 -7.22 -21.13
C GLU A 403 -15.95 -8.24 -21.45
N TYR A 404 -15.01 -7.86 -22.30
CA TYR A 404 -13.94 -8.78 -22.67
C TYR A 404 -12.94 -8.96 -21.54
N TYR A 405 -12.77 -7.93 -20.70
CA TYR A 405 -11.92 -8.11 -19.53
C TYR A 405 -12.50 -9.21 -18.65
N LYS A 406 -13.79 -9.14 -18.38
CA LYS A 406 -14.45 -10.15 -17.56
C LYS A 406 -14.33 -11.55 -18.14
N LYS A 407 -14.38 -11.66 -19.48
CA LYS A 407 -14.22 -12.96 -20.14
C LYS A 407 -12.81 -13.48 -19.92
N GLY A 408 -11.83 -12.62 -20.18
CA GLY A 408 -10.43 -12.93 -19.93
C GLY A 408 -10.15 -13.35 -18.50
N PHE A 409 -10.69 -12.60 -17.54
CA PHE A 409 -10.44 -12.89 -16.13
C PHE A 409 -11.03 -14.26 -15.78
N ASP A 410 -12.22 -14.55 -16.29
CA ASP A 410 -12.85 -15.83 -16.02
C ASP A 410 -12.09 -16.99 -16.65
N ILE A 411 -11.51 -16.77 -17.83
CA ILE A 411 -10.65 -17.76 -18.46
C ILE A 411 -9.50 -18.09 -17.53
N TYR A 412 -8.90 -17.06 -16.96
CA TYR A 412 -7.76 -17.23 -16.06
C TYR A 412 -8.13 -18.05 -14.83
N ILE A 413 -9.25 -17.70 -14.19
CA ILE A 413 -9.68 -18.40 -12.98
C ILE A 413 -10.08 -19.85 -13.26
N LYS A 414 -10.89 -20.06 -14.29
CA LYS A 414 -11.40 -21.39 -14.58
C LYS A 414 -10.27 -22.33 -14.98
N LYS A 415 -9.22 -21.77 -15.60
CA LYS A 415 -8.14 -22.60 -16.09
C LYS A 415 -7.14 -22.96 -14.99
N ASN A 416 -6.94 -22.07 -14.03
CA ASN A 416 -5.88 -22.24 -13.04
C ASN A 416 -6.36 -22.45 -11.60
N ASP A 417 -7.68 -22.56 -11.42
CA ASP A 417 -8.29 -22.61 -10.09
C ASP A 417 -7.69 -23.68 -9.16
N GLY A 418 -7.28 -24.82 -9.68
CA GLY A 418 -6.72 -25.80 -8.76
C GLY A 418 -5.24 -25.63 -8.46
N ASN A 419 -4.60 -24.69 -9.15
CA ASN A 419 -3.16 -24.80 -9.34
C ASN A 419 -2.35 -23.52 -9.13
N THR A 420 -1.03 -23.66 -9.28
CA THR A 420 -0.11 -22.53 -9.25
C THR A 420 -0.15 -21.82 -10.60
N ALA A 421 0.24 -20.55 -10.64
CA ALA A 421 0.27 -19.85 -11.92
C ALA A 421 1.45 -18.87 -12.01
N THR A 422 1.70 -18.41 -13.22
CA THR A 422 2.75 -17.41 -13.48
C THR A 422 2.13 -16.20 -14.16
N CYS A 423 2.90 -15.11 -14.26
CA CYS A 423 2.39 -13.91 -14.91
C CYS A 423 2.03 -14.20 -16.37
N GLU A 424 2.79 -15.11 -16.99
CA GLU A 424 2.52 -15.54 -18.35
C GLU A 424 1.12 -16.15 -18.50
N ASP A 425 0.70 -16.96 -17.54
CA ASP A 425 -0.64 -17.54 -17.55
C ASP A 425 -1.70 -16.46 -17.62
N PHE A 426 -1.54 -15.41 -16.83
CA PHE A 426 -2.51 -14.33 -16.84
C PHE A 426 -2.53 -13.62 -18.18
N ASN A 427 -1.35 -13.33 -18.72
CA ASN A 427 -1.27 -12.64 -20.00
C ASN A 427 -1.94 -13.48 -21.08
N TYR A 428 -1.67 -14.80 -21.03
CA TYR A 428 -2.25 -15.74 -21.97
C TYR A 428 -3.77 -15.65 -22.00
N ALA A 429 -4.38 -15.65 -20.81
CA ALA A 429 -5.84 -15.54 -20.67
C ALA A 429 -6.36 -14.21 -21.21
N MET A 430 -5.67 -13.14 -20.89
CA MET A 430 -6.01 -11.81 -21.40
C MET A 430 -5.90 -11.78 -22.91
N GLU A 431 -4.90 -12.47 -23.43
CA GLU A 431 -4.66 -12.51 -24.87
C GLU A 431 -5.81 -13.18 -25.60
N GLN A 432 -6.35 -14.23 -24.99
CA GLN A 432 -7.49 -14.92 -25.58
C GLN A 432 -8.65 -13.96 -25.72
N ALA A 433 -8.86 -13.12 -24.71
CA ALA A 433 -9.88 -12.09 -24.77
C ALA A 433 -9.55 -11.07 -25.86
N TYR A 434 -8.26 -10.74 -25.97
CA TYR A 434 -7.81 -9.76 -26.94
C TYR A 434 -8.07 -10.26 -28.37
N LYS A 435 -7.82 -11.53 -28.59
CA LYS A 435 -8.08 -12.16 -29.89
C LYS A 435 -9.56 -12.05 -30.23
N MET A 436 -10.40 -12.41 -29.27
CA MET A 436 -11.84 -12.37 -29.46
C MET A 436 -12.34 -10.96 -29.71
N LYS A 437 -11.77 -9.97 -29.00
CA LYS A 437 -12.20 -8.59 -29.17
C LYS A 437 -11.81 -8.04 -30.53
N LYS A 438 -10.56 -8.27 -30.94
CA LYS A 438 -10.09 -7.75 -32.23
C LYS A 438 -10.53 -8.63 -33.40
N ALA A 439 -11.11 -9.78 -33.07
CA ALA A 439 -11.65 -10.71 -34.06
C ALA A 439 -10.61 -11.19 -35.08
N ASP A 440 -9.46 -11.62 -34.57
CA ASP A 440 -8.56 -12.49 -35.34
C ASP A 440 -7.58 -13.17 -34.40
N ASN A 441 -7.44 -14.48 -34.54
CA ASN A 441 -6.58 -15.27 -33.67
C ASN A 441 -5.09 -15.00 -33.93
N SER A 442 -4.84 -14.00 -34.76
CA SER A 442 -3.49 -13.56 -35.07
C SER A 442 -3.01 -12.46 -34.11
N ALA A 443 -3.95 -11.78 -33.46
CA ALA A 443 -3.63 -10.74 -32.50
C ALA A 443 -2.92 -11.36 -31.30
N ASN A 444 -2.00 -10.62 -30.72
CA ASN A 444 -1.28 -11.13 -29.56
C ASN A 444 -0.83 -10.03 -28.63
N LEU A 445 -0.52 -10.41 -27.41
CA LEU A 445 -0.08 -9.47 -26.38
C LEU A 445 1.34 -9.78 -25.92
N ASN A 446 2.18 -10.29 -26.80
CA ASN A 446 3.54 -10.65 -26.41
CA ASN A 446 3.55 -10.63 -26.44
C ASN A 446 4.34 -9.41 -26.01
N GLN A 447 4.08 -8.28 -26.66
CA GLN A 447 4.74 -7.04 -26.26
C GLN A 447 4.32 -6.62 -24.85
N TYR A 448 3.10 -7.00 -24.43
CA TYR A 448 2.60 -6.56 -23.13
C TYR A 448 3.44 -7.11 -21.99
N LEU A 449 4.08 -8.26 -22.20
CA LEU A 449 4.90 -8.89 -21.17
C LEU A 449 6.05 -7.99 -20.71
N LEU A 450 6.42 -7.03 -21.54
CA LEU A 450 7.47 -6.09 -21.15
C LEU A 450 7.10 -5.30 -19.89
N TRP A 451 5.79 -5.12 -19.65
CA TRP A 451 5.35 -4.44 -18.44
C TRP A 451 5.80 -5.21 -17.19
N PHE A 452 6.00 -6.52 -17.32
CA PHE A 452 6.43 -7.32 -16.19
C PHE A 452 7.95 -7.32 -16.00
N SER A 453 8.70 -7.15 -17.09
CA SER A 453 10.15 -7.34 -17.04
C SER A 453 10.93 -6.03 -17.06
N GLN A 454 10.33 -4.97 -17.60
CA GLN A 454 11.05 -3.69 -17.74
C GLN A 454 10.77 -2.71 -16.59
N SER A 455 11.84 -2.24 -15.97
CA SER A 455 11.74 -1.29 -14.86
C SER A 455 11.77 0.13 -15.38
N GLY A 456 11.40 1.05 -14.50
CA GLY A 456 11.46 2.47 -14.82
C GLY A 456 10.11 2.97 -15.32
N THR A 457 9.87 4.27 -15.16
CA THR A 457 8.61 4.87 -15.59
C THR A 457 8.73 5.35 -17.03
N PRO A 458 7.83 4.92 -17.91
CA PRO A 458 7.89 5.51 -19.26
C PRO A 458 7.48 6.98 -19.25
N HIS A 459 8.09 7.76 -20.16
CA HIS A 459 7.70 9.14 -20.44
C HIS A 459 6.94 9.18 -21.75
N VAL A 460 5.77 9.78 -21.76
CA VAL A 460 5.01 9.89 -23.01
C VAL A 460 4.75 11.37 -23.33
N SER A 461 5.20 11.79 -24.51
CA SER A 461 5.10 13.17 -24.92
C SER A 461 4.30 13.34 -26.21
N PHE A 462 3.85 14.57 -26.44
CA PHE A 462 2.87 14.84 -27.49
C PHE A 462 3.20 16.07 -28.32
N LYS A 463 2.85 16.01 -29.60
CA LYS A 463 2.76 17.19 -30.44
C LYS A 463 1.48 17.10 -31.26
N TYR A 464 0.95 18.26 -31.64
CA TYR A 464 -0.37 18.31 -32.26
C TYR A 464 -0.36 19.11 -33.54
N ASN A 465 -1.25 18.72 -34.44
CA ASN A 465 -1.46 19.49 -35.65
CA ASN A 465 -1.45 19.44 -35.68
C ASN A 465 -2.93 19.49 -36.03
N TYR A 466 -3.40 20.66 -36.45
CA TYR A 466 -4.78 20.80 -36.87
C TYR A 466 -4.85 21.56 -38.19
N ASP A 467 -5.49 20.94 -39.16
CA ASP A 467 -5.73 21.62 -40.42
C ASP A 467 -7.19 22.06 -40.47
N ALA A 468 -7.40 23.37 -40.39
CA ALA A 468 -8.73 23.94 -40.31
C ALA A 468 -9.54 23.61 -41.56
N GLU A 469 -8.87 23.63 -42.71
CA GLU A 469 -9.55 23.41 -43.98
C GLU A 469 -10.03 21.97 -44.15
N LYS A 470 -9.18 20.99 -43.91
CA LYS A 470 -9.60 19.62 -44.14
C LYS A 470 -10.20 18.98 -42.89
N LYS A 471 -10.37 19.77 -41.83
CA LYS A 471 -10.98 19.26 -40.58
C LYS A 471 -10.23 18.04 -40.04
N GLN A 472 -8.91 18.10 -40.12
CA GLN A 472 -8.05 16.96 -39.79
C GLN A 472 -7.15 17.26 -38.62
N TYR A 473 -7.23 16.43 -37.58
CA TYR A 473 -6.47 16.62 -36.35
C TYR A 473 -5.47 15.50 -36.15
N SER A 474 -4.26 15.82 -35.69
CA SER A 474 -3.23 14.82 -35.46
C SER A 474 -2.65 14.90 -34.06
N ILE A 475 -2.48 13.75 -33.44
CA ILE A 475 -1.77 13.63 -32.18
C ILE A 475 -0.53 12.80 -32.42
N HIS A 476 0.62 13.44 -32.35
CA HIS A 476 1.87 12.72 -32.52
C HIS A 476 2.38 12.33 -31.15
N VAL A 477 2.70 11.06 -30.98
CA VAL A 477 3.04 10.54 -29.66
C VAL A 477 4.42 9.90 -29.65
N ASN A 478 5.17 10.15 -28.59
CA ASN A 478 6.49 9.55 -28.40
C ASN A 478 6.54 8.90 -27.02
N GLN A 479 7.15 7.71 -26.94
CA GLN A 479 7.42 7.12 -25.63
C GLN A 479 8.92 6.86 -25.44
N TYR A 480 9.36 6.99 -24.20
CA TYR A 480 10.76 6.82 -23.84
C TYR A 480 10.87 6.32 -22.40
N THR A 481 11.70 5.32 -22.14
CA THR A 481 12.05 4.96 -20.76
C THR A 481 13.55 5.16 -20.57
N LYS A 482 13.92 5.85 -19.51
CA LYS A 482 15.33 6.11 -19.23
C LYS A 482 16.05 4.79 -18.88
N PRO A 483 17.22 4.55 -19.49
CA PRO A 483 18.03 3.37 -19.14
C PRO A 483 18.32 3.33 -17.64
N ASP A 484 18.44 2.13 -17.07
CA ASP A 484 18.81 2.00 -15.66
C ASP A 484 19.63 0.74 -15.48
N GLU A 485 19.75 0.26 -14.25
CA GLU A 485 20.61 -0.89 -13.97
C GLU A 485 20.00 -2.20 -14.47
N ASN A 486 18.69 -2.20 -14.69
CA ASN A 486 17.98 -3.40 -15.10
C ASN A 486 17.97 -3.60 -16.61
N GLN A 487 17.83 -2.51 -17.36
CA GLN A 487 17.97 -2.56 -18.81
C GLN A 487 18.77 -1.36 -19.31
N LYS A 488 19.82 -1.65 -20.08
CA LYS A 488 20.60 -0.61 -20.73
C LYS A 488 19.83 -0.07 -21.93
N GLU A 489 19.16 -0.97 -22.64
CA GLU A 489 18.33 -0.59 -23.78
C GLU A 489 16.86 -0.86 -23.45
N LYS A 490 16.08 0.19 -23.27
CA LYS A 490 14.67 0.03 -22.94
C LYS A 490 13.86 -0.20 -24.21
N LYS A 491 12.82 -1.01 -24.13
CA LYS A 491 12.00 -1.27 -25.32
C LYS A 491 10.65 -0.54 -25.23
N PRO A 492 10.04 -0.24 -26.39
CA PRO A 492 8.73 0.41 -26.41
C PRO A 492 7.68 -0.51 -25.79
N LEU A 493 6.81 0.05 -24.95
CA LEU A 493 5.75 -0.74 -24.31
C LEU A 493 4.45 -0.65 -25.09
N PHE A 494 3.52 -1.53 -24.75
CA PHE A 494 2.14 -1.41 -25.19
C PHE A 494 1.44 -0.43 -24.25
N ILE A 495 1.24 0.80 -24.72
CA ILE A 495 0.66 1.86 -23.88
C ILE A 495 -0.73 2.24 -24.38
N PRO A 496 -1.77 1.94 -23.59
CA PRO A 496 -3.14 2.35 -23.95
C PRO A 496 -3.42 3.79 -23.50
N ILE A 497 -3.83 4.62 -24.44
CA ILE A 497 -4.03 6.03 -24.13
C ILE A 497 -5.49 6.38 -24.34
N SER A 498 -6.23 6.40 -23.25
CA SER A 498 -7.63 6.78 -23.28
CA SER A 498 -7.63 6.79 -23.29
C SER A 498 -7.72 8.28 -23.55
N VAL A 499 -8.43 8.67 -24.60
CA VAL A 499 -8.44 10.09 -24.99
C VAL A 499 -9.82 10.60 -25.32
N GLY A 500 -9.99 11.92 -25.14
CA GLY A 500 -11.14 12.62 -25.67
C GLY A 500 -10.65 13.86 -26.38
N LEU A 501 -11.53 14.45 -27.18
CA LEU A 501 -11.24 15.73 -27.83
C LEU A 501 -12.30 16.70 -27.39
N ILE A 502 -11.91 17.76 -26.70
CA ILE A 502 -12.86 18.75 -26.20
C ILE A 502 -12.96 19.96 -27.13
N ASN A 503 -14.19 20.33 -27.52
CA ASN A 503 -14.42 21.59 -28.21
C ASN A 503 -14.23 22.72 -27.21
N PRO A 504 -13.20 23.57 -27.42
CA PRO A 504 -12.95 24.66 -26.48
C PRO A 504 -14.06 25.70 -26.48
N GLU A 505 -14.89 25.71 -27.53
CA GLU A 505 -15.97 26.70 -27.67
C GLU A 505 -17.17 26.42 -26.78
N ASN A 506 -17.49 25.15 -26.54
CA ASN A 506 -18.69 24.80 -25.78
C ASN A 506 -18.45 23.70 -24.75
N GLY A 507 -17.23 23.17 -24.73
CA GLY A 507 -16.85 22.15 -23.77
C GLY A 507 -17.34 20.75 -24.08
N LYS A 508 -17.91 20.55 -25.26
CA LYS A 508 -18.48 19.25 -25.62
C LYS A 508 -17.43 18.25 -26.09
N GLU A 509 -17.73 16.97 -25.91
CA GLU A 509 -16.98 15.88 -26.52
C GLU A 509 -17.09 15.93 -28.04
N MET A 510 -15.97 15.73 -28.73
CA MET A 510 -15.99 15.74 -30.19
C MET A 510 -15.86 14.35 -30.78
N ILE A 511 -15.37 13.39 -30.00
CA ILE A 511 -15.29 12.01 -30.47
C ILE A 511 -15.79 11.04 -29.42
N SER A 512 -16.20 9.85 -29.86
CA SER A 512 -16.58 8.78 -28.93
C SER A 512 -15.39 8.27 -28.14
N GLN A 513 -15.66 7.28 -27.30
CA GLN A 513 -14.74 6.86 -26.28
C GLN A 513 -13.62 6.26 -27.10
N THR A 514 -12.37 6.62 -26.88
CA THR A 514 -11.32 6.15 -27.77
C THR A 514 -10.06 5.83 -26.98
N THR A 515 -9.51 4.64 -27.20
CA THR A 515 -8.27 4.22 -26.57
C THR A 515 -7.24 3.96 -27.63
N LEU A 516 -6.26 4.87 -27.73
CA LEU A 516 -5.15 4.73 -28.67
C LEU A 516 -4.18 3.65 -28.20
N GLU A 517 -3.84 2.73 -29.08
CA GLU A 517 -2.91 1.68 -28.71
C GLU A 517 -1.53 2.02 -29.28
N LEU A 518 -0.68 2.58 -28.42
CA LEU A 518 0.67 2.95 -28.80
C LEU A 518 1.61 1.76 -28.59
N THR A 519 2.13 1.21 -29.67
CA THR A 519 2.95 0.01 -29.57
C THR A 519 4.36 0.26 -30.12
N LYS A 520 4.58 1.45 -30.66
CA LYS A 520 5.89 1.76 -31.20
C LYS A 520 6.55 2.84 -30.36
N GLU A 521 7.78 3.18 -30.69
CA GLU A 521 8.48 4.25 -30.02
C GLU A 521 7.78 5.59 -30.29
N SER A 522 7.15 5.68 -31.46
CA SER A 522 6.37 6.86 -31.81
C SER A 522 5.32 6.50 -32.84
N ASP A 523 4.23 7.25 -32.81
CA ASP A 523 3.16 7.07 -33.76
C ASP A 523 2.40 8.37 -33.96
N THR A 524 1.72 8.50 -35.08
CA THR A 524 0.86 9.64 -35.30
C THR A 524 -0.58 9.18 -35.45
N PHE A 525 -1.47 9.70 -34.61
CA PHE A 525 -2.88 9.35 -34.69
C PHE A 525 -3.70 10.46 -35.32
N VAL A 526 -4.36 10.15 -36.43
CA VAL A 526 -5.07 11.17 -37.19
C VAL A 526 -6.58 11.01 -37.02
N PHE A 527 -7.27 12.13 -36.89
CA PHE A 527 -8.72 12.12 -36.80
C PHE A 527 -9.30 13.01 -37.88
N ASN A 528 -10.27 12.49 -38.63
CA ASN A 528 -10.96 13.29 -39.64
C ASN A 528 -12.27 13.83 -39.12
N ASN A 529 -12.85 14.76 -39.87
CA ASN A 529 -14.12 15.37 -39.49
C ASN A 529 -14.07 15.93 -38.08
N ILE A 530 -12.98 16.62 -37.77
CA ILE A 530 -12.86 17.34 -36.52
C ILE A 530 -13.13 18.80 -36.83
N ALA A 531 -14.29 19.27 -36.41
CA ALA A 531 -14.88 20.50 -36.92
C ALA A 531 -14.09 21.75 -36.56
N VAL A 532 -13.49 21.75 -35.38
CA VAL A 532 -12.70 22.88 -34.92
C VAL A 532 -11.49 22.35 -34.19
N LYS A 533 -10.50 23.21 -33.96
CA LYS A 533 -9.30 22.80 -33.22
C LYS A 533 -9.67 22.42 -31.79
N PRO A 534 -9.45 21.15 -31.43
CA PRO A 534 -9.81 20.71 -30.08
C PRO A 534 -8.70 20.94 -29.05
N ILE A 535 -9.06 20.75 -27.80
CA ILE A 535 -8.07 20.57 -26.76
C ILE A 535 -8.12 19.08 -26.39
N PRO A 536 -6.98 18.39 -26.51
CA PRO A 536 -6.94 16.94 -26.27
C PRO A 536 -7.00 16.62 -24.78
N SER A 537 -7.82 15.63 -24.44
CA SER A 537 -7.97 15.13 -23.07
C SER A 537 -7.27 13.80 -23.01
N LEU A 538 -6.05 13.78 -22.47
CA LEU A 538 -5.16 12.63 -22.63
C LEU A 538 -4.97 11.77 -21.39
N PHE A 539 -4.91 10.45 -21.59
CA PHE A 539 -4.77 9.48 -20.50
C PHE A 539 -5.90 9.60 -19.48
N ARG A 540 -7.12 9.72 -19.98
CA ARG A 540 -8.29 9.77 -19.12
C ARG A 540 -8.28 8.59 -18.14
N GLY A 541 -8.53 8.89 -16.87
CA GLY A 541 -8.57 7.85 -15.84
C GLY A 541 -7.16 7.45 -15.45
N PHE A 542 -6.16 8.20 -15.96
CA PHE A 542 -4.74 7.84 -15.86
C PHE A 542 -4.54 6.42 -16.41
N SER A 543 -4.63 6.30 -17.74
CA SER A 543 -4.80 5.00 -18.37
C SER A 543 -3.51 4.22 -18.55
N ALA A 544 -2.39 4.81 -18.16
CA ALA A 544 -1.11 4.10 -18.15
C ALA A 544 -0.17 4.73 -17.13
N PRO A 545 0.65 3.90 -16.46
CA PRO A 545 1.53 4.40 -15.38
C PRO A 545 2.77 5.07 -15.97
N VAL A 546 2.58 6.30 -16.44
CA VAL A 546 3.63 6.98 -17.18
C VAL A 546 3.74 8.43 -16.72
N TYR A 547 4.88 9.05 -17.01
CA TYR A 547 5.02 10.50 -16.97
C TYR A 547 4.31 11.07 -18.20
N ILE A 548 3.28 11.87 -17.98
CA ILE A 548 2.57 12.50 -19.08
C ILE A 548 3.13 13.87 -19.35
N GLU A 549 3.61 14.10 -20.56
CA GLU A 549 4.08 15.43 -20.93
C GLU A 549 3.16 15.96 -22.02
N ASP A 550 2.14 16.72 -21.62
CA ASP A 550 1.00 17.00 -22.50
C ASP A 550 1.31 18.12 -23.49
N GLN A 551 2.38 18.86 -23.22
CA GLN A 551 2.80 20.02 -23.99
C GLN A 551 1.66 20.97 -24.30
N LEU A 552 0.73 21.09 -23.37
CA LEU A 552 -0.37 22.06 -23.48
C LEU A 552 0.02 23.41 -22.86
N THR A 553 -0.60 24.48 -23.35
CA THR A 553 -0.42 25.77 -22.71
C THR A 553 -1.22 25.81 -21.42
N ASP A 554 -0.90 26.74 -20.53
CA ASP A 554 -1.69 26.85 -19.31
C ASP A 554 -3.11 27.25 -19.64
N GLU A 555 -3.30 27.98 -20.74
CA GLU A 555 -4.66 28.34 -21.17
C GLU A 555 -5.48 27.09 -21.54
N GLU A 556 -4.87 26.15 -22.26
CA GLU A 556 -5.53 24.92 -22.62
C GLU A 556 -5.81 24.09 -21.38
N ARG A 557 -4.83 24.05 -20.47
CA ARG A 557 -4.99 23.30 -19.24
C ARG A 557 -6.12 23.88 -18.39
N ILE A 558 -6.24 25.20 -18.36
CA ILE A 558 -7.31 25.81 -17.57
C ILE A 558 -8.67 25.43 -18.15
N LEU A 559 -8.76 25.39 -19.48
CA LEU A 559 -10.01 25.05 -20.12
C LEU A 559 -10.40 23.60 -19.81
N LEU A 560 -9.42 22.70 -19.80
CA LEU A 560 -9.68 21.32 -19.41
C LEU A 560 -10.11 21.22 -17.96
N LEU A 561 -9.36 21.91 -17.10
CA LEU A 561 -9.67 21.93 -15.68
C LEU A 561 -11.11 22.39 -15.46
N LYS A 562 -11.58 23.33 -16.28
CA LYS A 562 -12.93 23.83 -16.14
C LYS A 562 -13.98 22.96 -16.81
N TYR A 563 -13.69 22.45 -18.00
CA TYR A 563 -14.77 21.89 -18.80
C TYR A 563 -14.64 20.43 -19.22
N ASP A 564 -13.51 19.80 -18.95
CA ASP A 564 -13.32 18.40 -19.35
C ASP A 564 -14.25 17.48 -18.54
N SER A 565 -14.55 16.31 -19.09
CA SER A 565 -15.45 15.35 -18.45
C SER A 565 -14.71 14.33 -17.57
N ASP A 566 -13.38 14.30 -17.68
CA ASP A 566 -12.63 13.30 -16.95
C ASP A 566 -11.96 13.87 -15.71
N ALA A 567 -12.27 13.31 -14.55
CA ALA A 567 -11.71 13.82 -13.29
C ALA A 567 -10.20 13.82 -13.29
N PHE A 568 -9.60 12.73 -13.74
CA PHE A 568 -8.14 12.68 -13.71
C PHE A 568 -7.52 13.74 -14.62
N VAL A 569 -8.03 13.91 -15.83
CA VAL A 569 -7.36 14.89 -16.71
C VAL A 569 -7.52 16.31 -16.16
N ARG A 570 -8.66 16.59 -15.53
CA ARG A 570 -8.86 17.91 -14.93
C ARG A 570 -7.80 18.14 -13.85
N TYR A 571 -7.71 17.17 -12.93
CA TYR A 571 -6.75 17.16 -11.83
C TYR A 571 -5.30 17.21 -12.33
N ASN A 572 -5.02 16.49 -13.40
CA ASN A 572 -3.67 16.49 -13.96
C ASN A 572 -3.35 17.83 -14.64
N SER A 573 -4.34 18.44 -15.26
CA SER A 573 -4.13 19.74 -15.86
C SER A 573 -3.75 20.77 -14.77
N CYS A 574 -4.49 20.73 -13.67
CA CYS A 574 -4.19 21.56 -12.50
C CYS A 574 -2.79 21.25 -11.97
N THR A 575 -2.49 19.96 -11.83
CA THR A 575 -1.16 19.53 -11.41
C THR A 575 -0.07 20.11 -12.33
N ASN A 576 -0.33 20.08 -13.63
CA ASN A 576 0.68 20.52 -14.57
C ASN A 576 0.88 22.03 -14.53
N ILE A 577 -0.21 22.76 -14.28
CA ILE A 577 -0.13 24.22 -14.13
C ILE A 577 0.72 24.54 -12.90
N TYR A 578 0.45 23.85 -11.79
CA TYR A 578 1.24 23.99 -10.57
C TYR A 578 2.72 23.65 -10.78
N MET A 579 2.99 22.54 -11.45
CA MET A 579 4.38 22.14 -11.66
C MET A 579 5.18 23.17 -12.47
N LYS A 580 4.58 23.71 -13.52
CA LYS A 580 5.23 24.77 -14.29
C LYS A 580 5.60 25.94 -13.39
N GLN A 581 4.62 26.37 -12.60
CA GLN A 581 4.82 27.47 -11.66
C GLN A 581 5.94 27.17 -10.65
N ILE A 582 5.87 25.98 -10.05
CA ILE A 582 6.84 25.52 -9.06
C ILE A 582 8.26 25.48 -9.64
N LEU A 583 8.41 24.89 -10.83
CA LEU A 583 9.73 24.80 -11.44
C LEU A 583 10.29 26.19 -11.73
N MET A 584 9.42 27.09 -12.19
CA MET A 584 9.86 28.45 -12.50
CA MET A 584 9.83 28.46 -12.51
C MET A 584 10.27 29.21 -11.25
N ASN A 585 9.41 29.20 -10.23
CA ASN A 585 9.71 29.93 -9.00
C ASN A 585 10.92 29.29 -8.32
N TYR A 586 10.99 27.96 -8.32
CA TYR A 586 12.14 27.28 -7.70
C TYR A 586 13.46 27.80 -8.30
N ASN A 587 13.54 27.85 -9.63
CA ASN A 587 14.77 28.29 -10.28
CA ASN A 587 14.77 28.29 -10.28
C ASN A 587 15.07 29.76 -9.94
N GLU A 588 14.02 30.56 -9.78
CA GLU A 588 14.21 31.98 -9.48
C GLU A 588 14.77 32.14 -8.07
N PHE A 589 14.17 31.45 -7.11
CA PHE A 589 14.68 31.39 -5.74
C PHE A 589 16.11 30.80 -5.66
N LEU A 590 16.38 29.75 -6.43
CA LEU A 590 17.69 29.10 -6.44
C LEU A 590 18.79 30.05 -6.92
N LYS A 591 18.52 30.75 -8.02
CA LYS A 591 19.48 31.70 -8.55
C LYS A 591 19.76 32.84 -7.58
N ALA A 592 18.72 33.31 -6.88
CA ALA A 592 18.90 34.42 -5.95
C ALA A 592 19.79 33.96 -4.80
N LYS A 593 19.63 32.69 -4.42
CA LYS A 593 20.44 32.09 -3.37
C LYS A 593 21.87 31.85 -3.83
N ASN A 594 22.04 31.21 -4.98
CA ASN A 594 23.36 31.00 -5.56
C ASN A 594 24.11 32.30 -5.84
N GLU A 595 23.43 33.26 -6.46
CA GLU A 595 24.07 34.50 -6.83
C GLU A 595 24.08 35.52 -5.69
N LYS A 596 23.50 35.14 -4.55
CA LYS A 596 23.42 36.03 -3.38
C LYS A 596 22.85 37.40 -3.76
N LEU A 597 21.69 37.37 -4.41
CA LEU A 597 21.07 38.58 -4.91
C LEU A 597 20.45 39.41 -3.79
N GLU A 598 20.65 40.71 -3.86
CA GLU A 598 20.05 41.65 -2.92
C GLU A 598 18.59 41.90 -3.27
N SER A 599 18.26 41.75 -4.55
CA SER A 599 16.90 41.90 -5.01
C SER A 599 16.72 41.05 -6.25
N PHE A 600 15.48 40.66 -6.53
CA PHE A 600 15.18 39.81 -7.67
C PHE A 600 13.67 39.72 -7.86
N GLN A 601 13.23 39.14 -8.97
CA GLN A 601 11.81 39.00 -9.22
C GLN A 601 11.34 37.55 -9.20
N LEU A 602 10.10 37.38 -8.77
CA LEU A 602 9.43 36.09 -8.86
C LEU A 602 8.29 36.19 -9.85
N THR A 603 8.12 35.16 -10.66
CA THR A 603 6.97 35.10 -11.57
C THR A 603 5.70 34.81 -10.81
N PRO A 604 4.73 35.72 -10.88
CA PRO A 604 3.47 35.50 -10.14
C PRO A 604 2.70 34.28 -10.64
N VAL A 605 1.86 33.73 -9.78
CA VAL A 605 0.94 32.68 -10.18
C VAL A 605 -0.02 33.24 -11.24
N ASN A 606 -0.25 32.46 -12.30
CA ASN A 606 -1.17 32.82 -13.38
C ASN A 606 -2.54 33.23 -12.83
N ALA A 607 -2.99 34.45 -13.15
CA ALA A 607 -4.20 34.99 -12.55
C ALA A 607 -5.46 34.31 -13.07
N GLN A 608 -5.43 33.86 -14.31
CA GLN A 608 -6.57 33.16 -14.90
C GLN A 608 -6.72 31.78 -14.26
N PHE A 609 -5.60 31.20 -13.85
CA PHE A 609 -5.60 29.94 -13.11
C PHE A 609 -6.26 30.14 -11.74
N ILE A 610 -5.85 31.19 -11.04
CA ILE A 610 -6.47 31.51 -9.76
C ILE A 610 -7.98 31.72 -9.94
N ASP A 611 -8.36 32.43 -11.00
CA ASP A 611 -9.76 32.63 -11.35
C ASP A 611 -10.53 31.33 -11.55
N ALA A 612 -9.87 30.34 -12.17
CA ALA A 612 -10.52 29.07 -12.45
C ALA A 612 -10.73 28.25 -11.18
N ILE A 613 -9.77 28.32 -10.27
CA ILE A 613 -9.92 27.72 -8.95
C ILE A 613 -11.14 28.32 -8.24
N LYS A 614 -11.26 29.65 -8.26
CA LYS A 614 -12.37 30.34 -7.63
C LYS A 614 -13.70 29.88 -8.21
N TYR A 615 -13.77 29.82 -9.53
CA TYR A 615 -14.94 29.34 -10.26
C TYR A 615 -15.38 27.94 -9.81
N LEU A 616 -14.42 27.03 -9.68
CA LEU A 616 -14.75 25.67 -9.30
C LEU A 616 -15.17 25.58 -7.83
N LEU A 617 -14.43 26.26 -6.96
CA LEU A 617 -14.77 26.30 -5.55
C LEU A 617 -16.19 26.85 -5.34
N GLU A 618 -16.57 27.83 -6.14
CA GLU A 618 -17.85 28.49 -5.93
C GLU A 618 -19.00 27.75 -6.60
N ASP A 619 -18.69 26.69 -7.34
CA ASP A 619 -19.71 25.89 -7.98
C ASP A 619 -20.34 24.90 -6.98
N PRO A 620 -21.62 25.12 -6.64
CA PRO A 620 -22.29 24.26 -5.66
C PRO A 620 -22.48 22.85 -6.18
N HIS A 621 -22.35 22.67 -7.49
CA HIS A 621 -22.54 21.35 -8.08
C HIS A 621 -21.24 20.58 -8.22
N ALA A 622 -20.12 21.23 -7.91
CA ALA A 622 -18.82 20.58 -8.04
C ALA A 622 -18.53 19.69 -6.83
N ASP A 623 -17.62 18.73 -7.01
CA ASP A 623 -17.34 17.74 -5.97
C ASP A 623 -16.36 18.27 -4.92
N ALA A 624 -16.72 18.07 -3.65
CA ALA A 624 -15.95 18.61 -2.53
C ALA A 624 -14.55 17.99 -2.43
N GLY A 625 -14.44 16.70 -2.70
CA GLY A 625 -13.14 16.04 -2.67
C GLY A 625 -12.23 16.58 -3.77
N PHE A 626 -12.78 16.71 -4.98
CA PHE A 626 -12.02 17.28 -6.09
C PHE A 626 -11.54 18.69 -5.72
N LYS A 627 -12.42 19.47 -5.10
CA LYS A 627 -12.06 20.82 -4.66
C LYS A 627 -10.84 20.83 -3.74
N SER A 628 -10.75 19.87 -2.83
CA SER A 628 -9.63 19.85 -1.89
C SER A 628 -8.33 19.53 -2.62
N TYR A 629 -8.41 18.86 -3.77
CA TYR A 629 -7.22 18.56 -4.54
C TYR A 629 -6.71 19.82 -5.26
N ILE A 630 -7.61 20.63 -5.80
CA ILE A 630 -7.15 21.76 -6.62
C ILE A 630 -6.55 22.89 -5.79
N VAL A 631 -6.80 22.92 -4.49
CA VAL A 631 -6.23 23.98 -3.67
C VAL A 631 -4.96 23.51 -2.97
N SER A 632 -4.60 22.26 -3.22
CA SER A 632 -3.38 21.69 -2.67
C SER A 632 -2.30 21.62 -3.76
N LEU A 633 -1.09 22.05 -3.44
CA LEU A 633 0.03 21.88 -4.36
C LEU A 633 0.37 20.40 -4.50
N PRO A 634 1.02 20.00 -5.61
CA PRO A 634 1.49 18.62 -5.76
C PRO A 634 2.37 18.19 -4.56
N GLN A 635 2.28 16.91 -4.18
CA GLN A 635 3.13 16.34 -3.13
C GLN A 635 4.61 16.61 -3.39
N ASP A 636 5.36 16.85 -2.31
CA ASP A 636 6.79 17.04 -2.37
C ASP A 636 7.48 15.87 -3.11
N ARG A 637 7.05 14.65 -2.84
CA ARG A 637 7.68 13.50 -3.50
C ARG A 637 7.28 13.36 -4.99
N TYR A 638 6.25 14.09 -5.42
CA TYR A 638 5.96 14.14 -6.86
C TYR A 638 6.84 15.18 -7.54
N ILE A 639 7.00 16.31 -6.86
CA ILE A 639 7.79 17.42 -7.37
C ILE A 639 9.24 17.00 -7.56
N ILE A 640 9.77 16.24 -6.62
N ILE A 640 9.78 16.24 -6.63
CA ILE A 640 11.19 15.92 -6.60
CA ILE A 640 11.21 15.93 -6.64
C ILE A 640 11.61 15.08 -7.83
C ILE A 640 11.61 15.10 -7.85
N ASN A 641 10.64 14.40 -8.44
CA ASN A 641 10.90 13.70 -9.71
C ASN A 641 11.33 14.62 -10.83
N PHE A 642 11.07 15.91 -10.70
CA PHE A 642 11.29 16.84 -11.78
C PHE A 642 12.43 17.82 -11.55
N VAL A 643 13.15 17.65 -10.43
CA VAL A 643 14.21 18.59 -10.08
C VAL A 643 15.48 17.85 -9.75
N SER A 644 16.59 18.23 -10.39
CA SER A 644 17.89 17.69 -10.06
C SER A 644 18.50 18.43 -8.88
N ASN A 645 19.17 17.70 -7.99
CA ASN A 645 19.85 18.29 -6.85
C ASN A 645 18.90 19.22 -6.09
N LEU A 646 17.72 18.71 -5.78
CA LEU A 646 16.69 19.52 -5.15
C LEU A 646 17.15 20.08 -3.80
N ASP A 647 17.16 21.40 -3.70
CA ASP A 647 17.40 22.09 -2.46
C ASP A 647 16.06 22.17 -1.74
N THR A 648 15.92 21.46 -0.62
CA THR A 648 14.61 21.37 0.05
C THR A 648 14.17 22.70 0.64
N ASP A 649 15.12 23.53 1.08
CA ASP A 649 14.81 24.87 1.56
C ASP A 649 14.22 25.75 0.48
N VAL A 650 14.81 25.69 -0.72
CA VAL A 650 14.33 26.50 -1.83
C VAL A 650 12.95 26.00 -2.25
N LEU A 651 12.74 24.69 -2.26
CA LEU A 651 11.43 24.17 -2.57
C LEU A 651 10.42 24.66 -1.52
N ALA A 652 10.81 24.64 -0.25
CA ALA A 652 9.92 25.12 0.80
C ALA A 652 9.58 26.61 0.59
N ASP A 653 10.56 27.42 0.21
CA ASP A 653 10.27 28.83 -0.06
C ASP A 653 9.36 29.00 -1.27
N THR A 654 9.56 28.14 -2.26
CA THR A 654 8.75 28.15 -3.46
C THR A 654 7.29 27.87 -3.15
N LYS A 655 7.04 26.79 -2.41
CA LYS A 655 5.69 26.42 -2.01
C LYS A 655 5.04 27.56 -1.23
N GLU A 656 5.77 28.11 -0.27
CA GLU A 656 5.24 29.21 0.54
C GLU A 656 4.77 30.38 -0.33
N TYR A 657 5.62 30.78 -1.28
CA TYR A 657 5.30 31.87 -2.19
C TYR A 657 4.01 31.61 -2.95
N ILE A 658 3.91 30.42 -3.52
CA ILE A 658 2.78 30.05 -4.35
C ILE A 658 1.49 29.97 -3.52
N TYR A 659 1.57 29.35 -2.35
CA TYR A 659 0.42 29.30 -1.46
C TYR A 659 -0.05 30.70 -1.04
N LYS A 660 0.91 31.60 -0.79
CA LYS A 660 0.59 32.94 -0.31
C LYS A 660 -0.04 33.76 -1.46
N GLN A 661 0.50 33.58 -2.66
CA GLN A 661 -0.07 34.18 -3.87
C GLN A 661 -1.55 33.80 -4.04
N ILE A 662 -1.85 32.51 -3.95
CA ILE A 662 -3.23 32.07 -4.15
C ILE A 662 -4.12 32.51 -2.98
N GLY A 663 -3.61 32.41 -1.76
CA GLY A 663 -4.36 32.84 -0.59
C GLY A 663 -4.68 34.33 -0.53
N ASP A 664 -3.74 35.16 -0.97
CA ASP A 664 -3.97 36.60 -1.00
C ASP A 664 -5.16 36.95 -1.90
N LYS A 665 -5.47 36.07 -2.84
N LYS A 665 -5.46 36.08 -2.85
CA LYS A 665 -6.62 36.29 -3.72
CA LYS A 665 -6.59 36.27 -3.74
C LYS A 665 -7.85 35.53 -3.26
C LYS A 665 -7.84 35.53 -3.26
N LEU A 666 -7.66 34.33 -2.71
CA LEU A 666 -8.80 33.46 -2.41
C LEU A 666 -9.17 33.24 -0.93
N ASN A 667 -8.46 33.84 0.02
CA ASN A 667 -8.75 33.54 1.42
C ASN A 667 -10.19 33.83 1.85
N ASP A 668 -10.78 34.90 1.34
CA ASP A 668 -12.17 35.22 1.66
C ASP A 668 -13.10 34.15 1.11
N VAL A 669 -12.79 33.68 -0.09
CA VAL A 669 -13.54 32.56 -0.66
C VAL A 669 -13.40 31.32 0.21
N TYR A 670 -12.18 31.01 0.63
CA TYR A 670 -11.91 29.87 1.50
C TYR A 670 -12.73 29.93 2.79
N TYR A 671 -12.73 31.10 3.42
CA TYR A 671 -13.40 31.27 4.68
C TYR A 671 -14.89 31.13 4.52
N LYS A 672 -15.42 31.76 3.48
CA LYS A 672 -16.84 31.68 3.16
C LYS A 672 -17.29 30.23 3.02
N MET A 673 -16.47 29.41 2.36
CA MET A 673 -16.81 28.01 2.14
C MET A 673 -16.64 27.19 3.39
N PHE A 674 -15.57 27.46 4.16
CA PHE A 674 -15.36 26.77 5.42
C PHE A 674 -16.61 26.88 6.28
N LYS A 675 -17.23 28.06 6.26
CA LYS A 675 -18.42 28.29 7.07
C LYS A 675 -19.67 27.64 6.45
N SER A 676 -19.80 27.69 5.13
CA SER A 676 -21.03 27.23 4.49
C SER A 676 -21.09 25.71 4.41
N LEU A 677 -19.94 25.05 4.49
CA LEU A 677 -19.86 23.59 4.43
C LEU A 677 -20.16 22.92 5.78
N GLU A 678 -20.11 23.70 6.86
CA GLU A 678 -20.22 23.16 8.21
C GLU A 678 -21.43 22.25 8.43
N ALA A 679 -22.61 22.75 8.07
CA ALA A 679 -23.87 22.05 8.34
C ALA A 679 -23.88 20.64 7.75
N LYS A 680 -23.59 20.53 6.45
CA LYS A 680 -23.55 19.21 5.82
C LYS A 680 -22.31 18.39 6.21
N ALA A 681 -21.15 19.03 6.32
CA ALA A 681 -19.93 18.27 6.61
C ALA A 681 -19.97 17.61 7.99
N ASP A 682 -20.49 18.32 9.00
CA ASP A 682 -20.43 17.83 10.37
C ASP A 682 -21.77 17.30 10.88
N ASP A 683 -22.68 17.03 9.96
CA ASP A 683 -23.99 16.46 10.27
C ASP A 683 -23.85 15.23 11.18
N LEU A 684 -24.48 15.29 12.35
CA LEU A 684 -24.35 14.25 13.36
C LEU A 684 -25.47 13.20 13.31
N THR A 685 -26.35 13.31 12.31
CA THR A 685 -27.52 12.43 12.19
C THR A 685 -27.18 10.95 12.37
N TYR A 686 -26.11 10.49 11.71
CA TYR A 686 -25.76 9.08 11.75
C TYR A 686 -24.48 8.80 12.54
N PHE A 687 -24.16 9.70 13.46
CA PHE A 687 -22.92 9.58 14.23
C PHE A 687 -22.89 8.30 15.08
N ASN A 688 -24.07 7.83 15.50
CA ASN A 688 -24.13 6.60 16.29
C ASN A 688 -24.61 5.39 15.50
N ASP A 689 -24.53 5.48 14.18
CA ASP A 689 -24.78 4.37 13.29
C ASP A 689 -23.48 3.96 12.59
N GLU A 690 -22.85 2.90 13.08
CA GLU A 690 -21.56 2.48 12.55
C GLU A 690 -21.62 1.85 11.17
N SER A 691 -22.80 1.60 10.65
CA SER A 691 -22.86 0.97 9.33
C SER A 691 -23.18 2.02 8.27
N HIS A 692 -23.39 3.25 8.72
CA HIS A 692 -23.70 4.34 7.81
C HIS A 692 -22.44 5.15 7.51
N VAL A 693 -21.87 4.94 6.34
CA VAL A 693 -20.68 5.68 5.96
C VAL A 693 -20.94 6.44 4.67
N ASP A 694 -20.66 7.74 4.72
CA ASP A 694 -20.99 8.66 3.66
C ASP A 694 -19.69 9.26 3.16
N PHE A 695 -19.21 8.77 2.03
CA PHE A 695 -17.90 9.20 1.55
C PHE A 695 -17.91 10.65 1.04
N ASP A 696 -19.05 11.11 0.54
CA ASP A 696 -19.14 12.50 0.11
CA ASP A 696 -19.20 12.51 0.11
C ASP A 696 -19.11 13.43 1.31
N GLN A 697 -19.79 13.06 2.39
CA GLN A 697 -19.74 13.87 3.61
C GLN A 697 -18.30 13.93 4.14
N MET A 698 -17.60 12.80 4.12
CA MET A 698 -16.22 12.82 4.60
C MET A 698 -15.34 13.71 3.70
N ASN A 699 -15.61 13.73 2.40
CA ASN A 699 -14.88 14.62 1.50
C ASN A 699 -15.14 16.10 1.81
N MET A 700 -16.35 16.39 2.28
CA MET A 700 -16.70 17.74 2.69
C MET A 700 -15.87 18.16 3.89
N ARG A 701 -15.67 17.24 4.83
CA ARG A 701 -14.79 17.50 5.95
C ARG A 701 -13.35 17.66 5.50
N THR A 702 -12.91 16.80 4.59
CA THR A 702 -11.57 16.94 4.01
C THR A 702 -11.36 18.37 3.47
N LEU A 703 -12.34 18.87 2.74
CA LEU A 703 -12.25 20.22 2.19
C LEU A 703 -12.21 21.28 3.28
N ARG A 704 -13.06 21.14 4.31
CA ARG A 704 -13.07 22.11 5.40
C ARG A 704 -11.74 22.12 6.12
N ASN A 705 -11.21 20.93 6.36
CA ASN A 705 -9.97 20.84 7.11
C ASN A 705 -8.77 21.31 6.29
N THR A 706 -8.86 21.13 4.97
CA THR A 706 -7.86 21.67 4.06
C THR A 706 -7.94 23.21 4.02
N LEU A 707 -9.15 23.75 3.90
CA LEU A 707 -9.31 25.20 3.91
C LEU A 707 -8.90 25.81 5.25
N LEU A 708 -9.24 25.14 6.35
CA LEU A 708 -8.86 25.66 7.67
C LEU A 708 -7.33 25.71 7.82
N SER A 709 -6.66 24.72 7.25
CA SER A 709 -5.21 24.71 7.25
C SER A 709 -4.62 25.91 6.50
N LEU A 710 -5.14 26.15 5.30
CA LEU A 710 -4.71 27.30 4.50
C LEU A 710 -4.98 28.62 5.21
N LEU A 711 -6.16 28.74 5.82
CA LEU A 711 -6.55 29.97 6.49
C LEU A 711 -5.73 30.20 7.76
N SER A 712 -5.36 29.11 8.45
CA SER A 712 -4.58 29.22 9.67
C SER A 712 -3.13 29.60 9.39
N LYS A 713 -2.57 29.04 8.33
CA LYS A 713 -1.19 29.36 7.96
C LYS A 713 -1.12 30.83 7.54
N ALA A 714 -2.16 31.30 6.87
CA ALA A 714 -2.22 32.69 6.40
C ALA A 714 -2.53 33.67 7.54
N GLN A 715 -2.80 33.15 8.73
CA GLN A 715 -3.19 33.97 9.86
C GLN A 715 -4.40 34.84 9.52
N TYR A 716 -5.39 34.24 8.87
CA TYR A 716 -6.63 34.93 8.51
C TYR A 716 -7.28 35.56 9.75
N PRO A 717 -7.82 36.79 9.61
CA PRO A 717 -8.35 37.50 10.79
C PRO A 717 -9.27 36.65 11.64
N ASN A 718 -8.95 36.54 12.93
CA ASN A 718 -9.76 35.83 13.92
C ASN A 718 -9.99 34.33 13.65
N ILE A 719 -9.18 33.72 12.80
CA ILE A 719 -9.38 32.30 12.47
C ILE A 719 -9.22 31.41 13.70
N LEU A 720 -8.57 31.92 14.74
CA LEU A 720 -8.35 31.15 15.94
C LEU A 720 -9.68 30.82 16.63
N ASN A 721 -10.67 31.70 16.47
CA ASN A 721 -12.02 31.41 16.98
C ASN A 721 -12.59 30.15 16.32
N GLU A 722 -12.40 30.04 15.01
CA GLU A 722 -12.88 28.88 14.26
C GLU A 722 -12.15 27.63 14.71
N ILE A 723 -10.84 27.77 14.92
CA ILE A 723 -10.01 26.67 15.37
C ILE A 723 -10.46 26.13 16.72
N ILE A 724 -10.77 27.04 17.65
CA ILE A 724 -11.20 26.66 18.98
C ILE A 724 -12.54 25.94 18.96
N GLU A 725 -13.49 26.47 18.18
CA GLU A 725 -14.77 25.81 18.01
C GLU A 725 -14.60 24.46 17.34
N HIS A 726 -13.71 24.39 16.37
CA HIS A 726 -13.43 23.16 15.66
C HIS A 726 -12.96 22.07 16.62
N SER A 727 -12.23 22.48 17.67
CA SER A 727 -11.68 21.51 18.62
C SER A 727 -12.79 20.85 19.45
N LYS A 728 -13.99 21.41 19.39
CA LYS A 728 -15.12 20.92 20.20
C LYS A 728 -16.01 19.98 19.40
N SER A 729 -15.67 19.80 18.12
CA SER A 729 -16.42 18.89 17.26
C SER A 729 -16.30 17.43 17.71
N PRO A 730 -17.38 16.65 17.52
CA PRO A 730 -17.40 15.23 17.87
C PRO A 730 -16.52 14.37 16.96
N TYR A 731 -16.20 14.86 15.76
CA TYR A 731 -15.42 14.08 14.79
C TYR A 731 -13.91 14.23 14.99
N PRO A 732 -13.21 13.11 15.24
CA PRO A 732 -11.75 13.16 15.42
C PRO A 732 -11.01 13.79 14.24
N SER A 733 -11.52 13.63 13.02
CA SER A 733 -10.90 14.29 11.88
C SER A 733 -10.89 15.79 12.12
N ASN A 734 -11.96 16.32 12.70
CA ASN A 734 -12.02 17.75 13.00
C ASN A 734 -11.17 18.18 14.19
N TRP A 735 -11.34 17.53 15.35
CA TRP A 735 -10.64 18.02 16.53
C TRP A 735 -9.14 17.68 16.50
N LEU A 736 -8.72 16.70 15.71
CA LEU A 736 -7.28 16.50 15.53
C LEU A 736 -6.74 17.54 14.53
N THR A 737 -7.55 17.91 13.54
CA THR A 737 -7.16 19.00 12.64
C THR A 737 -6.98 20.29 13.45
N SER A 738 -7.83 20.49 14.46
CA SER A 738 -7.72 21.71 15.25
C SER A 738 -6.35 21.77 15.94
N LEU A 739 -5.83 20.61 16.34
CA LEU A 739 -4.49 20.53 16.89
C LEU A 739 -3.42 20.96 15.87
N SER A 740 -3.38 20.30 14.72
CA SER A 740 -2.33 20.64 13.75
C SER A 740 -2.41 22.09 13.24
N VAL A 741 -3.61 22.62 12.96
CA VAL A 741 -3.65 23.98 12.43
C VAL A 741 -3.37 24.99 13.54
N SER A 742 -3.53 24.59 14.80
CA SER A 742 -3.21 25.51 15.90
C SER A 742 -1.70 25.67 16.09
N ALA A 743 -0.91 24.93 15.32
CA ALA A 743 0.54 25.02 15.40
C ALA A 743 1.01 26.46 15.22
N TYR A 744 0.27 27.23 14.43
CA TYR A 744 0.64 28.59 14.11
C TYR A 744 0.16 29.59 15.18
N PHE A 745 -0.39 29.09 16.27
CA PHE A 745 -0.87 29.98 17.34
C PHE A 745 -0.32 29.63 18.71
N ASP A 746 -0.51 30.53 19.67
CA ASP A 746 0.00 30.32 21.03
CA ASP A 746 0.02 30.30 21.02
C ASP A 746 -0.84 29.31 21.81
N LYS A 747 -1.93 28.84 21.20
CA LYS A 747 -2.79 27.89 21.90
C LYS A 747 -2.46 26.44 21.55
N TYR A 748 -1.36 26.23 20.83
CA TYR A 748 -0.98 24.88 20.40
C TYR A 748 -0.92 23.90 21.56
N PHE A 749 -0.15 24.22 22.59
CA PHE A 749 0.08 23.25 23.64
C PHE A 749 -1.16 23.05 24.51
N GLU A 750 -2.06 24.02 24.50
CA GLU A 750 -3.36 23.85 25.13
C GLU A 750 -4.21 22.80 24.39
N LEU A 751 -4.24 22.89 23.07
CA LEU A 751 -4.99 21.90 22.28
C LEU A 751 -4.26 20.57 22.26
N TYR A 752 -2.93 20.61 22.39
CA TYR A 752 -2.10 19.42 22.56
C TYR A 752 -2.58 18.60 23.75
N ASP A 753 -2.71 19.27 24.90
CA ASP A 753 -3.17 18.61 26.12
C ASP A 753 -4.61 18.17 26.02
N LYS A 754 -5.46 19.03 25.45
CA LYS A 754 -6.87 18.69 25.33
C LYS A 754 -7.06 17.45 24.46
N THR A 755 -6.40 17.42 23.31
CA THR A 755 -6.59 16.33 22.37
C THR A 755 -5.92 15.04 22.85
N TYR A 756 -4.83 15.18 23.60
CA TYR A 756 -4.19 14.02 24.22
C TYR A 756 -5.13 13.35 25.20
N LYS A 757 -5.76 14.16 26.04
CA LYS A 757 -6.75 13.68 26.97
C LYS A 757 -7.88 12.93 26.26
N LEU A 758 -8.32 13.44 25.12
CA LEU A 758 -9.38 12.79 24.35
C LEU A 758 -8.91 11.50 23.68
N SER A 759 -7.60 11.38 23.46
CA SER A 759 -7.03 10.27 22.70
C SER A 759 -6.43 9.10 23.51
N LYS A 760 -6.02 9.38 24.74
CA LYS A 760 -5.09 8.49 25.46
C LYS A 760 -5.65 7.10 25.82
N ASP A 761 -6.98 6.97 25.84
CA ASP A 761 -7.62 5.76 26.33
C ASP A 761 -8.11 4.85 25.19
N ASP A 762 -7.86 5.27 23.95
CA ASP A 762 -8.04 4.41 22.80
C ASP A 762 -6.70 4.26 22.08
N GLU A 763 -6.22 3.03 22.05
CA GLU A 763 -4.91 2.70 21.51
C GLU A 763 -4.68 3.23 20.11
N LEU A 764 -5.68 3.08 19.24
CA LEU A 764 -5.56 3.49 17.85
C LEU A 764 -5.69 5.01 17.69
N LEU A 765 -6.63 5.57 18.44
CA LEU A 765 -6.82 7.01 18.46
C LEU A 765 -5.56 7.73 18.93
N LEU A 766 -4.94 7.19 19.98
CA LEU A 766 -3.69 7.76 20.49
C LEU A 766 -2.64 7.76 19.38
N GLN A 767 -2.61 6.70 18.58
CA GLN A 767 -1.65 6.66 17.49
C GLN A 767 -1.95 7.77 16.47
N GLU A 768 -3.23 8.04 16.20
CA GLU A 768 -3.58 9.14 15.31
C GLU A 768 -3.16 10.48 15.91
N TRP A 769 -3.27 10.60 17.23
CA TRP A 769 -2.84 11.80 17.93
C TRP A 769 -1.36 11.96 17.74
N LEU A 770 -0.62 10.86 17.89
CA LEU A 770 0.82 10.89 17.70
C LEU A 770 1.17 11.38 16.29
N LYS A 771 0.52 10.82 15.28
CA LYS A 771 0.74 11.27 13.90
C LYS A 771 0.53 12.79 13.75
N THR A 772 -0.51 13.28 14.42
CA THR A 772 -0.91 14.68 14.28
C THR A 772 0.13 15.60 14.88
N VAL A 773 0.64 15.22 16.05
CA VAL A 773 1.72 15.93 16.69
C VAL A 773 2.95 15.88 15.78
N SER A 774 3.27 14.68 15.32
CA SER A 774 4.44 14.45 14.47
C SER A 774 4.44 15.34 13.22
N ARG A 775 3.29 15.53 12.60
CA ARG A 775 3.22 16.30 11.37
C ARG A 775 2.94 17.79 11.61
N SER A 776 2.79 18.18 12.87
CA SER A 776 2.54 19.58 13.23
C SER A 776 3.62 20.52 12.70
N ASP A 777 3.20 21.59 12.05
CA ASP A 777 4.17 22.54 11.50
C ASP A 777 4.70 23.44 12.61
N ARG A 778 5.62 22.90 13.39
CA ARG A 778 6.18 23.58 14.56
C ARG A 778 7.68 23.82 14.41
N LYS A 779 8.13 25.00 14.80
CA LYS A 779 9.56 25.29 14.78
C LYS A 779 10.27 24.52 15.88
N ASP A 780 9.57 24.25 16.98
CA ASP A 780 10.12 23.48 18.10
C ASP A 780 9.80 21.99 17.99
N ILE A 781 9.69 21.49 16.77
CA ILE A 781 9.24 20.12 16.53
C ILE A 781 10.24 19.09 17.04
N TYR A 782 11.53 19.43 17.05
CA TYR A 782 12.51 18.49 17.59
C TYR A 782 12.33 18.28 19.10
N GLU A 783 12.02 19.37 19.79
CA GLU A 783 11.80 19.34 21.24
C GLU A 783 10.49 18.58 21.52
N ILE A 784 9.49 18.85 20.70
CA ILE A 784 8.21 18.16 20.80
C ILE A 784 8.36 16.64 20.64
N LEU A 785 9.16 16.20 19.66
CA LEU A 785 9.39 14.76 19.46
C LEU A 785 10.05 14.12 20.68
N LYS A 786 11.01 14.82 21.28
CA LYS A 786 11.67 14.24 22.44
C LYS A 786 10.69 14.12 23.61
N LYS A 787 9.69 14.96 23.65
CA LYS A 787 8.65 14.85 24.67
C LYS A 787 7.75 13.64 24.40
N LEU A 788 7.42 13.40 23.15
CA LEU A 788 6.64 12.22 22.78
C LEU A 788 7.39 10.96 23.18
N GLU A 789 8.69 10.98 22.95
CA GLU A 789 9.54 9.86 23.31
C GLU A 789 9.49 9.59 24.83
N ASN A 790 9.58 10.64 25.62
CA ASN A 790 9.69 10.48 27.07
C ASN A 790 8.36 10.18 27.75
N GLU A 791 7.28 10.75 27.23
CA GLU A 791 6.00 10.71 27.94
C GLU A 791 5.00 9.71 27.36
N VAL A 792 5.12 9.39 26.08
CA VAL A 792 4.10 8.57 25.45
C VAL A 792 4.67 7.31 24.77
N LEU A 793 5.62 7.49 23.87
CA LEU A 793 6.16 6.36 23.12
C LEU A 793 7.05 5.46 23.97
N LYS A 794 7.97 6.07 24.72
CA LYS A 794 8.92 5.32 25.56
C LYS A 794 9.60 4.18 24.81
N ASP A 795 9.59 2.98 25.38
CA ASP A 795 10.29 1.88 24.71
CA ASP A 795 10.26 1.80 24.82
C ASP A 795 9.33 0.87 24.07
N SER A 796 8.14 1.37 23.67
CA SER A 796 7.18 0.55 22.95
C SER A 796 7.79 -0.12 21.71
N LYS A 797 7.45 -1.38 21.50
CA LYS A 797 7.90 -2.12 20.32
C LYS A 797 6.75 -2.30 19.34
N ASN A 798 5.65 -1.61 19.60
CA ASN A 798 4.51 -1.61 18.70
C ASN A 798 4.85 -0.80 17.46
N PRO A 799 4.88 -1.47 16.28
CA PRO A 799 5.22 -0.76 15.04
C PRO A 799 4.29 0.42 14.78
N ASN A 800 3.01 0.28 15.13
CA ASN A 800 2.08 1.40 15.01
C ASN A 800 2.53 2.63 15.79
N ASP A 801 3.06 2.43 16.99
CA ASP A 801 3.51 3.55 17.83
C ASP A 801 4.72 4.23 17.21
N ILE A 802 5.72 3.42 16.86
CA ILE A 802 6.97 3.92 16.28
C ILE A 802 6.72 4.65 14.95
N ARG A 803 5.93 4.04 14.08
CA ARG A 803 5.63 4.66 12.78
C ARG A 803 4.85 5.96 12.93
N ALA A 804 3.97 6.01 13.93
CA ALA A 804 3.15 7.20 14.17
C ALA A 804 4.01 8.38 14.62
N VAL A 805 4.95 8.13 15.51
CA VAL A 805 5.81 9.21 16.02
C VAL A 805 6.75 9.77 14.95
N TYR A 806 7.32 8.91 14.12
CA TYR A 806 8.44 9.36 13.28
C TYR A 806 8.12 9.60 11.80
N LEU A 807 7.25 8.80 11.19
CA LEU A 807 7.08 8.92 9.74
C LEU A 807 6.43 10.25 9.31
N PRO A 808 5.36 10.71 10.01
CA PRO A 808 4.81 11.99 9.56
C PRO A 808 5.84 13.15 9.63
N PHE A 809 6.62 13.19 10.70
CA PHE A 809 7.71 14.16 10.82
C PHE A 809 8.69 14.16 9.64
N THR A 810 8.99 12.97 9.10
CA THR A 810 9.97 12.91 8.01
C THR A 810 9.44 13.60 6.76
N ASN A 811 8.14 13.90 6.73
CA ASN A 811 7.59 14.62 5.59
C ASN A 811 7.54 16.13 5.82
N ASN A 812 8.11 16.57 6.95
CA ASN A 812 8.28 17.98 7.20
C ASN A 812 9.46 18.48 6.35
N LEU A 813 9.14 19.10 5.22
CA LEU A 813 10.16 19.46 4.23
C LEU A 813 11.23 20.36 4.82
N ARG A 814 10.81 21.39 5.53
CA ARG A 814 11.76 22.35 6.07
C ARG A 814 12.58 21.83 7.26
N ARG A 815 11.98 21.00 8.11
CA ARG A 815 12.62 20.63 9.36
C ARG A 815 13.32 19.27 9.35
N PHE A 816 12.70 18.26 8.75
CA PHE A 816 13.34 16.96 8.65
C PHE A 816 14.64 17.09 7.88
N HIS A 817 14.63 17.94 6.86
CA HIS A 817 15.80 18.19 6.02
C HIS A 817 16.65 19.36 6.50
N ASP A 818 16.56 19.66 7.80
CA ASP A 818 17.42 20.66 8.41
C ASP A 818 18.88 20.43 8.00
N ILE A 819 19.57 21.50 7.65
CA ILE A 819 20.86 21.40 6.98
C ILE A 819 21.96 20.85 7.89
N SER A 820 21.71 20.83 9.20
CA SER A 820 22.63 20.23 10.16
C SER A 820 22.69 18.70 10.03
N GLY A 821 21.66 18.13 9.41
CA GLY A 821 21.58 16.69 9.27
C GLY A 821 20.97 16.01 10.48
N LYS A 822 20.49 16.80 11.44
CA LYS A 822 20.02 16.23 12.70
C LYS A 822 18.73 15.44 12.54
N GLY A 823 17.95 15.79 11.52
CA GLY A 823 16.78 15.01 11.17
C GLY A 823 17.16 13.63 10.68
N TYR A 824 18.12 13.58 9.77
CA TYR A 824 18.65 12.32 9.26
C TYR A 824 19.25 11.48 10.38
N LYS A 825 19.92 12.16 11.31
CA LYS A 825 20.59 11.46 12.40
C LYS A 825 19.56 10.84 13.32
N LEU A 826 18.48 11.57 13.55
CA LEU A 826 17.42 11.13 14.45
C LEU A 826 16.73 9.87 13.93
N ILE A 827 16.38 9.86 12.63
N ILE A 827 16.39 9.85 12.64
CA ILE A 827 15.67 8.72 12.07
CA ILE A 827 15.66 8.71 12.10
C ILE A 827 16.59 7.50 11.94
C ILE A 827 16.59 7.50 11.93
N ALA A 828 17.85 7.74 11.59
CA ALA A 828 18.82 6.65 11.51
C ALA A 828 18.99 5.98 12.88
N GLU A 829 18.95 6.78 13.94
CA GLU A 829 18.98 6.26 15.31
C GLU A 829 17.77 5.35 15.59
N VAL A 830 16.61 5.78 15.12
CA VAL A 830 15.38 5.01 15.31
C VAL A 830 15.37 3.73 14.48
N ILE A 831 15.94 3.80 13.27
CA ILE A 831 16.06 2.62 12.42
C ILE A 831 16.97 1.57 13.06
N THR A 832 18.13 2.01 13.52
CA THR A 832 19.08 1.08 14.15
C THR A 832 18.50 0.47 15.44
N LYS A 833 17.84 1.30 16.25
CA LYS A 833 17.18 0.85 17.46
C LYS A 833 16.14 -0.22 17.15
N THR A 834 15.31 0.08 16.15
CA THR A 834 14.22 -0.78 15.75
C THR A 834 14.72 -2.08 15.12
N ASP A 835 15.82 -1.98 14.39
CA ASP A 835 16.36 -3.14 13.67
C ASP A 835 16.77 -4.28 14.61
N LYS A 836 17.05 -3.95 15.86
CA LYS A 836 17.40 -4.94 16.88
C LYS A 836 16.26 -5.93 17.17
N PHE A 837 15.01 -5.51 16.97
CA PHE A 837 13.92 -6.41 17.31
C PHE A 837 12.92 -6.61 16.17
N ASN A 838 12.90 -5.71 15.18
CA ASN A 838 12.01 -5.85 14.03
C ASN A 838 12.61 -5.31 12.71
N PRO A 839 13.41 -6.13 12.03
CA PRO A 839 14.11 -5.72 10.79
C PRO A 839 13.16 -5.23 9.70
N MET A 840 11.99 -5.84 9.61
CA MET A 840 11.04 -5.42 8.58
C MET A 840 10.58 -3.97 8.78
N VAL A 841 10.27 -3.63 10.03
CA VAL A 841 9.78 -2.28 10.29
C VAL A 841 10.92 -1.26 10.23
N ALA A 842 12.13 -1.68 10.61
CA ALA A 842 13.31 -0.84 10.47
C ALA A 842 13.49 -0.40 9.02
N THR A 843 13.28 -1.34 8.10
CA THR A 843 13.41 -1.04 6.68
C THR A 843 12.30 -0.08 6.21
N GLN A 844 11.11 -0.23 6.78
CA GLN A 844 10.05 0.72 6.50
C GLN A 844 10.47 2.12 6.96
N LEU A 845 11.20 2.18 8.07
CA LEU A 845 11.55 3.50 8.61
C LEU A 845 12.65 4.15 7.78
N CYS A 846 13.24 3.40 6.85
CA CYS A 846 14.24 3.97 5.93
C CYS A 846 13.62 4.78 4.80
N GLU A 847 12.29 4.83 4.73
CA GLU A 847 11.63 5.44 3.59
C GLU A 847 12.14 6.85 3.18
N PRO A 848 12.35 7.76 4.16
CA PRO A 848 12.78 9.10 3.72
C PRO A 848 14.12 9.10 2.98
N PHE A 849 14.98 8.12 3.25
CA PHE A 849 16.27 8.04 2.60
C PHE A 849 16.18 7.66 1.13
N LYS A 850 15.00 7.23 0.65
CA LYS A 850 14.91 6.65 -0.69
C LYS A 850 15.26 7.65 -1.79
N LEU A 851 15.09 8.94 -1.50
CA LEU A 851 15.34 9.98 -2.47
C LEU A 851 16.72 10.64 -2.29
N TRP A 852 17.60 10.01 -1.51
CA TRP A 852 18.84 10.68 -1.07
C TRP A 852 19.68 11.25 -2.21
N ASN A 853 19.75 10.54 -3.33
CA ASN A 853 20.62 11.00 -4.41
C ASN A 853 19.92 12.02 -5.32
N LYS A 854 18.70 12.40 -4.94
CA LYS A 854 17.97 13.45 -5.66
C LYS A 854 18.11 14.84 -5.04
N LEU A 855 18.71 14.94 -3.86
CA LEU A 855 18.76 16.22 -3.17
C LEU A 855 20.03 17.02 -3.51
N ASP A 856 20.12 18.25 -2.99
CA ASP A 856 21.34 19.05 -3.17
C ASP A 856 22.54 18.32 -2.60
N THR A 857 23.73 18.69 -3.05
CA THR A 857 24.91 17.89 -2.79
C THR A 857 25.26 17.80 -1.31
N LYS A 858 24.93 18.82 -0.53
CA LYS A 858 25.18 18.76 0.90
C LYS A 858 24.28 17.73 1.57
N ARG A 859 22.99 17.75 1.22
CA ARG A 859 22.04 16.85 1.86
C ARG A 859 22.25 15.41 1.41
N GLN A 860 22.63 15.20 0.15
CA GLN A 860 23.08 13.89 -0.31
C GLN A 860 24.14 13.32 0.63
N GLU A 861 25.17 14.13 0.87
CA GLU A 861 26.28 13.70 1.71
C GLU A 861 25.84 13.40 3.15
N LEU A 862 24.94 14.22 3.68
CA LEU A 862 24.46 14.06 5.04
C LEU A 862 23.67 12.74 5.18
N MET A 863 22.83 12.45 4.19
CA MET A 863 22.07 11.19 4.19
C MET A 863 22.96 9.97 3.99
N LEU A 864 23.87 10.06 3.01
CA LEU A 864 24.84 8.99 2.76
C LEU A 864 25.66 8.68 4.03
N ASN A 865 26.07 9.70 4.77
CA ASN A 865 26.81 9.48 6.01
CA ASN A 865 26.82 9.48 5.99
C ASN A 865 26.02 8.65 7.02
N GLU A 866 24.73 8.95 7.14
CA GLU A 866 23.90 8.23 8.11
C GLU A 866 23.63 6.82 7.66
N MET A 867 23.50 6.62 6.35
CA MET A 867 23.27 5.29 5.82
C MET A 867 24.50 4.43 5.98
N ASN A 868 25.68 5.02 5.75
CA ASN A 868 26.93 4.29 5.94
C ASN A 868 27.16 3.98 7.41
N THR A 869 26.75 4.88 8.30
CA THR A 869 26.81 4.62 9.73
C THR A 869 25.92 3.43 10.12
N MET A 870 24.68 3.46 9.66
CA MET A 870 23.78 2.34 9.86
C MET A 870 24.36 1.03 9.32
N LEU A 871 24.94 1.08 8.12
CA LEU A 871 25.52 -0.10 7.49
C LEU A 871 26.67 -0.70 8.30
N GLN A 872 27.31 0.13 9.12
CA GLN A 872 28.47 -0.32 9.88
C GLN A 872 28.12 -0.92 11.25
N GLU A 873 26.83 -0.93 11.58
CA GLU A 873 26.40 -1.55 12.82
C GLU A 873 26.71 -3.04 12.80
N PRO A 874 27.47 -3.52 13.79
CA PRO A 874 27.82 -4.95 13.83
C PRO A 874 26.59 -5.85 13.83
N GLN A 875 25.53 -5.42 14.49
CA GLN A 875 24.39 -6.30 14.66
C GLN A 875 23.30 -6.11 13.59
N ILE A 876 23.61 -5.39 12.51
CA ILE A 876 22.62 -5.09 11.47
C ILE A 876 21.98 -6.36 10.89
N SER A 877 20.66 -6.32 10.72
CA SER A 877 19.93 -7.46 10.17
C SER A 877 20.26 -7.65 8.70
N ASN A 878 20.02 -8.85 8.18
CA ASN A 878 20.17 -9.06 6.75
C ASN A 878 19.20 -8.18 5.96
N ASN A 879 18.00 -8.04 6.50
CA ASN A 879 16.96 -7.23 5.89
C ASN A 879 17.41 -5.80 5.62
N LEU A 880 17.90 -5.15 6.67
CA LEU A 880 18.31 -3.76 6.59
C LEU A 880 19.59 -3.60 5.76
N LYS A 881 20.55 -4.49 5.97
CA LYS A 881 21.81 -4.42 5.24
C LYS A 881 21.57 -4.53 3.74
N GLU A 882 20.79 -5.51 3.32
CA GLU A 882 20.48 -5.68 1.90
C GLU A 882 19.80 -4.44 1.35
N TYR A 883 18.84 -3.90 2.09
CA TYR A 883 18.12 -2.71 1.65
C TYR A 883 19.07 -1.52 1.46
N LEU A 884 19.89 -1.23 2.46
CA LEU A 884 20.77 -0.08 2.41
C LEU A 884 21.91 -0.26 1.40
N LEU A 885 22.35 -1.49 1.21
CA LEU A 885 23.36 -1.79 0.19
C LEU A 885 22.83 -1.45 -1.21
N ARG A 886 21.60 -1.89 -1.50
CA ARG A 886 20.98 -1.60 -2.79
C ARG A 886 20.75 -0.09 -2.92
N LEU A 887 20.21 0.53 -1.88
CA LEU A 887 19.86 1.96 -1.93
C LEU A 887 21.08 2.87 -2.15
N THR A 888 22.23 2.47 -1.62
CA THR A 888 23.46 3.26 -1.75
C THR A 888 24.35 2.75 -2.87
N ASN A 889 23.76 2.00 -3.79
CA ASN A 889 24.45 1.54 -5.00
C ASN A 889 25.66 0.66 -4.79
N LYS A 890 25.84 0.15 -3.57
CA LYS A 890 26.93 -0.79 -3.30
C LYS A 890 26.60 -2.17 -3.84
#